data_4KLA
#
_entry.id   4KLA
#
_cell.length_a   87.993
_cell.length_b   93.429
_cell.length_c   111.739
_cell.angle_alpha   90.00
_cell.angle_beta   90.00
_cell.angle_gamma   90.00
#
_symmetry.space_group_name_H-M   'P 21 21 21'
#
loop_
_entity.id
_entity.type
_entity.pdbx_description
1 polymer 'Ferrochelatase, mitochondrial'
2 non-polymer 'CHOLIC ACID'
3 non-polymer GLYCEROL
4 non-polymer 'FE2/S2 (INORGANIC) CLUSTER'
5 non-polymer 'PROTOPORPHYRIN IX'
6 water water
#
_entity_poly.entity_id   1
_entity_poly.type   'polypeptide(L)'
_entity_poly.pdbx_seq_one_letter_code
;RKPKTGILMLNMGGPETLGDVHDFLLRLFLDRDLMTLPIQNKLAPFIAKRRTPKIQEQYRRIGGGSPIKIWTSKQGEGMV
KLLDELSPNTAPHKYYIGFRYVHPLTEEAIEEMERDGLERAIAFTQYPQYSCSTTGSSLNAIYRYYNQVGRKPTMKWSTI
DRWPTHHLLIQCFADHILKELDHFPLEKRSEVVILFSAHSLPMSVVNRGDPYPQEVSATVQKVMERLEYCNPYRLVWQSK
VGPMPWLGPQTDESIKGLCERGRKNILLVPIAFTSDHIDTLYELDIEYSQVLAKECGVENIRRAESLNGNPLFSKALADL
VHSHIQSNELCSKQLTLSCPLCVNPVCRETKSFFTSQQL
;
_entity_poly.pdbx_strand_id   A,B
#
loop_
_chem_comp.id
_chem_comp.type
_chem_comp.name
_chem_comp.formula
CHD non-polymer 'CHOLIC ACID' 'C24 H40 O5'
FES non-polymer 'FE2/S2 (INORGANIC) CLUSTER' 'Fe2 S2'
GOL non-polymer GLYCEROL 'C3 H8 O3'
PP9 non-polymer 'PROTOPORPHYRIN IX' 'C34 H34 N4 O4'
#
# COMPACT_ATOMS: atom_id res chain seq x y z
N ARG A 1 15.81 -17.07 -39.49
CA ARG A 1 16.86 -16.05 -39.08
C ARG A 1 17.18 -16.12 -37.57
N LYS A 2 18.47 -16.10 -37.22
CA LYS A 2 18.91 -16.28 -35.82
C LYS A 2 18.43 -15.18 -34.87
N PRO A 3 17.95 -15.57 -33.67
CA PRO A 3 17.45 -14.72 -32.60
C PRO A 3 18.45 -13.66 -32.06
N LYS A 4 17.99 -12.41 -32.08
CA LYS A 4 18.81 -11.26 -31.68
C LYS A 4 18.58 -10.98 -30.19
N THR A 5 17.30 -10.80 -29.81
CA THR A 5 16.89 -10.35 -28.47
C THR A 5 16.09 -11.37 -27.67
N GLY A 6 16.67 -11.83 -26.55
CA GLY A 6 15.97 -12.79 -25.70
C GLY A 6 15.19 -12.17 -24.54
N ILE A 7 14.03 -12.76 -24.24
CA ILE A 7 13.25 -12.29 -23.12
C ILE A 7 13.05 -13.41 -22.15
N LEU A 8 13.61 -13.24 -20.97
CA LEU A 8 13.57 -14.28 -19.99
C LEU A 8 12.42 -13.94 -19.09
N MET A 9 11.42 -14.80 -19.09
CA MET A 9 10.22 -14.58 -18.31
C MET A 9 10.39 -15.27 -16.97
N LEU A 10 10.42 -14.50 -15.90
CA LEU A 10 10.69 -15.10 -14.60
C LEU A 10 9.46 -15.22 -13.76
N ASN A 11 9.35 -16.36 -13.11
CA ASN A 11 8.19 -16.76 -12.39
C ASN A 11 8.71 -17.77 -11.37
N MET A 12 8.02 -17.96 -10.25
CA MET A 12 8.50 -18.99 -9.30
C MET A 12 8.30 -20.40 -9.83
N GLY A 13 7.16 -20.63 -10.47
CA GLY A 13 6.83 -21.94 -10.96
C GLY A 13 5.97 -22.82 -10.05
N GLY A 14 5.43 -23.89 -10.66
CA GLY A 14 4.57 -24.83 -10.00
C GLY A 14 4.82 -26.20 -10.60
N PRO A 15 4.51 -27.25 -9.83
CA PRO A 15 4.68 -28.60 -10.34
C PRO A 15 3.70 -28.87 -11.49
N GLU A 16 4.21 -29.34 -12.64
CA GLU A 16 3.36 -29.65 -13.80
C GLU A 16 2.53 -30.90 -13.59
N THR A 17 3.11 -31.91 -12.95
CA THR A 17 2.40 -33.14 -12.66
C THR A 17 2.61 -33.39 -11.20
N LEU A 18 1.94 -34.41 -10.66
CA LEU A 18 2.09 -34.72 -9.23
C LEU A 18 3.51 -35.25 -8.96
N GLY A 19 4.18 -35.68 -10.03
CA GLY A 19 5.47 -36.30 -9.91
C GLY A 19 6.53 -35.25 -9.74
N ASP A 20 6.22 -34.05 -10.21
CA ASP A 20 7.13 -32.95 -10.09
C ASP A 20 7.07 -32.31 -8.69
N VAL A 21 6.11 -32.74 -7.85
CA VAL A 21 5.90 -32.11 -6.53
C VAL A 21 7.09 -32.19 -5.55
N HIS A 22 7.66 -33.38 -5.37
CA HIS A 22 8.80 -33.58 -4.47
C HIS A 22 10.03 -32.71 -4.80
N ASP A 23 10.47 -32.73 -6.05
CA ASP A 23 11.66 -31.98 -6.43
C ASP A 23 11.44 -30.43 -6.32
N PHE A 24 10.19 -30.01 -6.47
CA PHE A 24 9.79 -28.62 -6.25
C PHE A 24 9.94 -28.26 -4.75
N LEU A 25 9.39 -29.08 -3.86
CA LEU A 25 9.59 -28.81 -2.43
C LEU A 25 11.09 -28.84 -2.07
N LEU A 26 11.86 -29.79 -2.64
CA LEU A 26 13.30 -29.89 -2.36
C LEU A 26 14.09 -28.59 -2.63
N ARG A 27 13.97 -28.08 -3.85
CA ARG A 27 14.60 -26.79 -4.22
C ARG A 27 14.12 -25.63 -3.30
N LEU A 28 12.82 -25.59 -3.02
CA LEU A 28 12.27 -24.60 -2.12
C LEU A 28 12.95 -24.63 -0.78
N PHE A 29 13.08 -25.83 -0.22
CA PHE A 29 13.71 -25.97 1.11
C PHE A 29 15.26 -25.94 1.18
N LEU A 30 15.94 -26.11 0.03
CA LEU A 30 17.42 -26.09 -0.03
C LEU A 30 17.92 -24.67 -0.13
N ASP A 31 17.00 -23.76 -0.44
CA ASP A 31 17.30 -22.37 -0.69
C ASP A 31 17.55 -21.59 0.62
N ARG A 32 18.82 -21.22 0.86
CA ARG A 32 19.16 -20.49 2.07
C ARG A 32 18.55 -19.08 2.11
N ASP A 33 18.43 -18.41 0.96
CA ASP A 33 17.72 -17.13 0.80
C ASP A 33 16.28 -17.12 1.34
N LEU A 34 15.57 -18.22 1.15
CA LEU A 34 14.16 -18.27 1.53
C LEU A 34 13.99 -18.72 2.99
N MET A 35 14.71 -19.79 3.37
CA MET A 35 14.56 -20.32 4.71
C MET A 35 15.91 -20.79 5.23
N THR A 36 16.06 -20.73 6.56
CA THR A 36 17.31 -21.08 7.23
C THR A 36 17.03 -22.26 8.16
N LEU A 37 17.52 -23.43 7.77
CA LEU A 37 17.29 -24.64 8.54
C LEU A 37 18.57 -25.14 9.18
N PRO A 38 18.43 -25.79 10.36
CA PRO A 38 19.55 -26.48 11.00
C PRO A 38 19.81 -27.73 10.18
N ILE A 39 21.08 -28.08 10.04
CA ILE A 39 21.47 -29.22 9.20
C ILE A 39 20.68 -29.24 7.87
N GLN A 40 20.75 -28.13 7.14
CA GLN A 40 19.84 -27.90 6.03
C GLN A 40 19.94 -28.94 4.91
N ASN A 41 21.13 -29.47 4.64
CA ASN A 41 21.30 -30.49 3.58
C ASN A 41 20.73 -31.90 3.91
N LYS A 42 20.44 -32.12 5.20
CA LYS A 42 19.76 -33.33 5.68
C LYS A 42 18.24 -33.13 5.84
N LEU A 43 17.84 -32.00 6.41
CA LEU A 43 16.42 -31.73 6.68
C LEU A 43 15.59 -31.49 5.45
N ALA A 44 16.04 -30.56 4.61
CA ALA A 44 15.34 -30.24 3.36
C ALA A 44 14.78 -31.47 2.61
N PRO A 45 15.64 -32.45 2.24
CA PRO A 45 15.11 -33.65 1.55
C PRO A 45 14.06 -34.48 2.33
N PHE A 46 14.11 -34.43 3.66
CA PHE A 46 13.20 -35.20 4.52
C PHE A 46 11.89 -34.45 4.78
N ILE A 47 12.01 -33.13 4.90
CA ILE A 47 10.87 -32.26 5.09
C ILE A 47 10.03 -32.28 3.80
N ALA A 48 10.73 -32.19 2.68
CA ALA A 48 10.09 -32.32 1.39
C ALA A 48 9.43 -33.69 1.20
N LYS A 49 10.07 -34.76 1.68
CA LYS A 49 9.51 -36.09 1.49
C LYS A 49 8.18 -36.19 2.24
N ARG A 50 8.15 -35.59 3.43
CA ARG A 50 7.00 -35.59 4.30
C ARG A 50 5.88 -34.65 3.84
N ARG A 51 6.24 -33.59 3.14
CA ARG A 51 5.19 -32.63 2.74
C ARG A 51 4.57 -32.95 1.37
N THR A 52 5.24 -33.78 0.59
CA THR A 52 4.81 -34.10 -0.76
C THR A 52 3.35 -34.59 -0.88
N PRO A 53 2.91 -35.55 -0.02
CA PRO A 53 1.52 -36.00 -0.07
C PRO A 53 0.49 -34.88 0.10
N LYS A 54 0.71 -34.01 1.08
CA LYS A 54 -0.20 -32.92 1.39
C LYS A 54 -0.36 -32.03 0.17
N ILE A 55 0.72 -31.88 -0.58
CA ILE A 55 0.79 -30.93 -1.68
C ILE A 55 0.33 -31.55 -3.01
N GLN A 56 0.62 -32.83 -3.21
CA GLN A 56 0.10 -33.55 -4.37
C GLN A 56 -1.42 -33.47 -4.34
N GLU A 57 -1.97 -33.69 -3.15
CA GLU A 57 -3.40 -33.61 -2.87
C GLU A 57 -3.99 -32.28 -3.37
N GLN A 58 -3.23 -31.21 -3.24
CA GLN A 58 -3.70 -29.90 -3.66
C GLN A 58 -3.75 -29.83 -5.16
N TYR A 59 -2.71 -30.30 -5.84
CA TYR A 59 -2.78 -30.33 -7.30
C TYR A 59 -3.75 -31.37 -7.83
N ARG A 60 -3.91 -32.46 -7.07
CA ARG A 60 -4.91 -33.44 -7.39
C ARG A 60 -6.29 -32.82 -7.53
N ARG A 61 -6.61 -31.88 -6.63
CA ARG A 61 -7.98 -31.34 -6.53
C ARG A 61 -8.22 -30.28 -7.59
N ILE A 62 -7.16 -29.85 -8.27
CA ILE A 62 -7.34 -28.92 -9.38
C ILE A 62 -7.06 -29.60 -10.72
N GLY A 63 -6.87 -30.92 -10.74
CA GLY A 63 -6.68 -31.63 -12.01
C GLY A 63 -5.28 -32.13 -12.33
N GLY A 64 -4.41 -32.18 -11.32
CA GLY A 64 -3.17 -32.91 -11.43
C GLY A 64 -1.89 -32.14 -11.65
N GLY A 65 -1.95 -30.80 -11.62
CA GLY A 65 -0.74 -29.98 -11.77
C GLY A 65 -0.96 -28.49 -12.05
N SER A 66 0.12 -27.74 -12.18
CA SER A 66 0.04 -26.31 -12.41
C SER A 66 -0.10 -26.02 -13.88
N PRO A 67 -0.77 -24.91 -14.21
CA PRO A 67 -0.86 -24.44 -15.58
C PRO A 67 -0.01 -23.23 -15.85
N ILE A 68 0.85 -22.83 -14.94
CA ILE A 68 1.60 -21.62 -15.26
C ILE A 68 2.55 -21.77 -16.46
N LYS A 69 2.99 -22.97 -16.77
CA LYS A 69 3.79 -23.10 -17.96
C LYS A 69 2.92 -22.90 -19.23
N ILE A 70 1.72 -23.45 -19.25
CA ILE A 70 0.90 -23.29 -20.45
C ILE A 70 0.62 -21.81 -20.72
N TRP A 71 0.20 -21.09 -19.68
CA TRP A 71 -0.16 -19.71 -19.83
C TRP A 71 1.07 -18.84 -20.11
N THR A 72 2.15 -19.10 -19.37
CA THR A 72 3.39 -18.33 -19.51
C THR A 72 3.82 -18.39 -20.98
N SER A 73 3.77 -19.59 -21.58
CA SER A 73 4.10 -19.82 -23.00
C SER A 73 3.20 -19.04 -23.94
N LYS A 74 1.89 -19.13 -23.68
CA LYS A 74 0.86 -18.57 -24.53
C LYS A 74 1.03 -17.06 -24.51
N GLN A 75 1.43 -16.54 -23.36
CA GLN A 75 1.74 -15.12 -23.23
C GLN A 75 3.01 -14.78 -24.02
N GLY A 76 4.03 -15.63 -23.88
CA GLY A 76 5.30 -15.48 -24.57
C GLY A 76 5.13 -15.36 -26.07
N GLU A 77 4.38 -16.27 -26.68
CA GLU A 77 4.16 -16.31 -28.11
C GLU A 77 3.56 -15.00 -28.67
N GLY A 78 2.62 -14.41 -27.93
CA GLY A 78 1.91 -13.21 -28.35
C GLY A 78 2.80 -12.00 -28.26
N MET A 79 3.62 -12.02 -27.22
CA MET A 79 4.57 -10.97 -26.91
C MET A 79 5.57 -10.89 -28.06
N VAL A 80 6.17 -12.02 -28.41
CA VAL A 80 7.18 -12.06 -29.44
C VAL A 80 6.63 -11.68 -30.80
N LYS A 81 5.45 -12.22 -31.12
CA LYS A 81 4.76 -11.85 -32.35
C LYS A 81 4.75 -10.33 -32.45
N LEU A 82 4.23 -9.70 -31.41
CA LEU A 82 4.09 -8.25 -31.38
C LEU A 82 5.42 -7.47 -31.47
N LEU A 83 6.43 -7.93 -30.74
CA LEU A 83 7.68 -7.17 -30.58
C LEU A 83 8.40 -7.07 -31.89
N ASP A 84 8.44 -8.20 -32.61
CA ASP A 84 9.13 -8.27 -33.89
C ASP A 84 8.51 -7.27 -34.86
N GLU A 85 7.29 -6.86 -34.55
CA GLU A 85 6.58 -5.92 -35.38
C GLU A 85 6.79 -4.53 -34.82
N LEU A 86 6.74 -4.38 -33.49
CA LEU A 86 6.96 -3.08 -32.85
C LEU A 86 8.39 -2.52 -32.95
N SER A 87 9.38 -3.39 -33.17
CA SER A 87 10.79 -3.08 -32.94
C SER A 87 11.82 -3.80 -33.86
N PRO A 88 11.82 -3.51 -35.18
CA PRO A 88 12.56 -4.37 -36.11
C PRO A 88 14.08 -4.43 -35.89
N ASN A 89 14.68 -3.28 -35.54
CA ASN A 89 16.13 -3.20 -35.33
C ASN A 89 16.59 -4.12 -34.19
N THR A 90 15.64 -4.63 -33.40
CA THR A 90 15.94 -5.57 -32.30
C THR A 90 15.39 -7.00 -32.54
N ALA A 91 14.70 -7.18 -33.66
CA ALA A 91 14.17 -8.46 -34.05
C ALA A 91 15.28 -9.36 -34.61
N PRO A 92 15.07 -10.68 -34.62
CA PRO A 92 13.90 -11.37 -34.07
C PRO A 92 14.00 -11.65 -32.56
N HIS A 93 12.85 -11.65 -31.89
CA HIS A 93 12.83 -11.88 -30.46
C HIS A 93 12.47 -13.32 -30.16
N LYS A 94 12.97 -13.81 -29.03
CA LYS A 94 12.66 -15.15 -28.57
C LYS A 94 12.28 -14.99 -27.11
N TYR A 95 11.37 -15.82 -26.59
CA TYR A 95 11.13 -15.85 -25.16
C TYR A 95 11.71 -17.10 -24.53
N TYR A 96 12.13 -16.99 -23.26
CA TYR A 96 12.62 -18.14 -22.51
C TYR A 96 12.02 -18.21 -21.10
N ILE A 97 11.63 -19.39 -20.66
CA ILE A 97 11.04 -19.50 -19.35
C ILE A 97 12.09 -19.84 -18.26
N GLY A 98 12.19 -18.96 -17.26
CA GLY A 98 13.05 -19.20 -16.13
C GLY A 98 12.24 -19.36 -14.86
N PHE A 99 11.76 -20.59 -14.65
CA PHE A 99 11.09 -20.87 -13.39
C PHE A 99 12.15 -20.94 -12.30
N ARG A 100 11.81 -20.53 -11.09
CA ARG A 100 12.77 -20.58 -9.99
C ARG A 100 12.95 -22.01 -9.44
N TYR A 101 11.87 -22.77 -9.37
CA TYR A 101 11.89 -24.03 -8.60
C TYR A 101 11.48 -25.29 -9.35
N VAL A 102 11.22 -25.16 -10.66
CA VAL A 102 10.95 -26.32 -11.52
C VAL A 102 11.50 -26.14 -12.92
N HIS A 103 11.65 -27.24 -13.65
CA HIS A 103 12.14 -27.17 -15.02
C HIS A 103 11.13 -26.40 -15.88
N PRO A 104 11.63 -25.55 -16.80
CA PRO A 104 13.03 -25.22 -16.99
C PRO A 104 13.51 -24.21 -15.95
N LEU A 105 14.60 -24.56 -15.30
CA LEU A 105 15.14 -23.79 -14.19
C LEU A 105 15.74 -22.52 -14.72
N THR A 106 15.85 -21.50 -13.88
CA THR A 106 16.38 -20.21 -14.31
C THR A 106 17.71 -20.49 -14.99
N GLU A 107 18.54 -21.28 -14.29
CA GLU A 107 19.90 -21.60 -14.72
C GLU A 107 19.94 -22.34 -16.06
N GLU A 108 18.93 -23.19 -16.30
CA GLU A 108 18.76 -23.88 -17.57
C GLU A 108 18.44 -22.94 -18.72
N ALA A 109 17.58 -21.96 -18.47
CA ALA A 109 17.21 -21.06 -19.55
C ALA A 109 18.36 -20.15 -19.96
N ILE A 110 19.15 -19.71 -18.97
CA ILE A 110 20.27 -18.81 -19.22
C ILE A 110 21.26 -19.54 -20.07
N GLU A 111 21.44 -20.80 -19.73
CA GLU A 111 22.32 -21.67 -20.50
C GLU A 111 21.95 -21.73 -21.96
N GLU A 112 20.65 -21.73 -22.26
CA GLU A 112 20.18 -21.81 -23.65
C GLU A 112 20.39 -20.46 -24.32
N MET A 113 20.12 -19.40 -23.59
CA MET A 113 20.18 -18.09 -24.18
C MET A 113 21.57 -17.83 -24.74
N GLU A 114 22.60 -18.07 -23.90
CA GLU A 114 24.02 -17.91 -24.29
C GLU A 114 24.33 -18.78 -25.51
N ARG A 115 23.93 -20.05 -25.44
CA ARG A 115 24.00 -20.99 -26.58
C ARG A 115 23.42 -20.38 -27.87
N ASP A 116 22.20 -19.85 -27.84
CA ASP A 116 21.65 -19.25 -29.06
C ASP A 116 22.44 -17.99 -29.53
N GLY A 117 23.46 -17.61 -28.78
CA GLY A 117 24.24 -16.42 -29.11
C GLY A 117 23.43 -15.15 -29.31
N LEU A 118 22.64 -14.79 -28.29
CA LEU A 118 21.90 -13.54 -28.37
C LEU A 118 22.81 -12.36 -28.08
N GLU A 119 22.42 -11.19 -28.59
CA GLU A 119 23.13 -9.93 -28.39
C GLU A 119 22.68 -9.24 -27.12
N ARG A 120 21.38 -9.32 -26.85
CA ARG A 120 20.76 -8.62 -25.73
C ARG A 120 19.81 -9.53 -25.00
N ALA A 121 19.87 -9.51 -23.67
CA ALA A 121 18.98 -10.30 -22.85
C ALA A 121 18.24 -9.42 -21.82
N ILE A 122 16.94 -9.63 -21.71
CA ILE A 122 16.12 -8.83 -20.80
C ILE A 122 15.46 -9.76 -19.83
N ALA A 123 15.86 -9.64 -18.56
CA ALA A 123 15.24 -10.37 -17.46
C ALA A 123 13.91 -9.72 -17.09
N PHE A 124 12.82 -10.41 -17.39
CA PHE A 124 11.50 -9.84 -17.28
C PHE A 124 10.59 -10.56 -16.29
N THR A 125 10.59 -10.09 -15.03
CA THR A 125 9.75 -10.71 -14.00
C THR A 125 8.28 -10.63 -14.35
N GLN A 126 7.55 -11.69 -13.99
CA GLN A 126 6.12 -11.81 -14.28
C GLN A 126 5.29 -11.49 -13.07
N TYR A 127 5.95 -10.89 -12.09
CA TYR A 127 5.31 -10.33 -10.92
C TYR A 127 5.32 -8.85 -11.13
N PRO A 128 4.12 -8.25 -11.22
CA PRO A 128 4.15 -6.83 -11.46
C PRO A 128 4.77 -6.08 -10.29
N GLN A 129 4.70 -6.67 -9.10
CA GLN A 129 5.06 -5.98 -7.86
C GLN A 129 6.29 -6.63 -7.20
N TYR A 130 7.34 -5.85 -6.91
CA TYR A 130 8.60 -6.47 -6.56
C TYR A 130 8.51 -7.04 -5.15
N SER A 131 9.03 -8.24 -4.96
CA SER A 131 9.34 -8.72 -3.62
C SER A 131 10.68 -9.41 -3.68
N CYS A 132 11.42 -9.38 -2.58
CA CYS A 132 12.70 -10.05 -2.55
C CYS A 132 12.54 -11.54 -2.54
N SER A 133 11.36 -12.03 -2.16
CA SER A 133 11.09 -13.45 -2.11
C SER A 133 10.83 -14.02 -3.49
N THR A 134 10.32 -13.17 -4.39
CA THR A 134 10.02 -13.59 -5.75
C THR A 134 11.04 -13.02 -6.73
N THR A 135 10.70 -11.89 -7.35
CA THR A 135 11.58 -11.25 -8.32
C THR A 135 13.01 -11.18 -7.78
N GLY A 136 13.16 -10.79 -6.52
CA GLY A 136 14.48 -10.68 -5.89
C GLY A 136 15.26 -11.97 -6.07
N SER A 137 14.53 -13.08 -5.99
CA SER A 137 15.16 -14.39 -5.94
C SER A 137 15.59 -14.77 -7.36
N SER A 138 14.71 -14.54 -8.33
CA SER A 138 15.02 -14.79 -9.74
C SER A 138 16.22 -13.98 -10.19
N LEU A 139 16.24 -12.70 -9.81
CA LEU A 139 17.38 -11.85 -10.14
C LEU A 139 18.67 -12.39 -9.52
N ASN A 140 18.61 -12.81 -8.25
CA ASN A 140 19.75 -13.43 -7.60
C ASN A 140 20.18 -14.70 -8.31
N ALA A 141 19.21 -15.49 -8.76
CA ALA A 141 19.53 -16.70 -9.49
C ALA A 141 20.42 -16.40 -10.70
N ILE A 142 20.24 -15.24 -11.32
CA ILE A 142 20.98 -14.90 -12.56
C ILE A 142 22.40 -14.52 -12.26
N TYR A 143 22.55 -13.53 -11.36
CA TYR A 143 23.84 -13.22 -10.76
C TYR A 143 24.57 -14.48 -10.25
N ARG A 144 23.87 -15.31 -9.49
CA ARG A 144 24.51 -16.53 -9.03
C ARG A 144 24.96 -17.47 -10.17
N TYR A 145 24.21 -17.47 -11.28
CA TYR A 145 24.54 -18.39 -12.35
C TYR A 145 25.87 -18.03 -12.95
N TYR A 146 26.15 -16.74 -13.05
CA TYR A 146 27.35 -16.30 -13.72
C TYR A 146 28.52 -16.26 -12.76
N ASN A 147 28.22 -16.23 -11.46
CA ASN A 147 29.22 -16.37 -10.42
C ASN A 147 29.57 -17.85 -10.27
N GLN A 148 28.52 -18.66 -10.02
CA GLN A 148 28.60 -20.14 -9.97
C GLN A 148 29.54 -20.64 -11.07
N VAL A 149 29.15 -20.43 -12.32
CA VAL A 149 29.88 -20.93 -13.49
C VAL A 149 31.29 -20.30 -13.64
N GLY A 150 31.50 -19.13 -13.01
CA GLY A 150 32.79 -18.40 -13.04
C GLY A 150 33.27 -17.96 -14.42
N ARG A 151 32.38 -17.33 -15.19
CA ARG A 151 32.63 -16.83 -16.55
C ARG A 151 31.83 -15.54 -16.73
N LYS A 152 32.19 -14.68 -17.67
CA LYS A 152 31.39 -13.47 -17.89
C LYS A 152 30.15 -13.79 -18.75
N PRO A 153 29.10 -12.94 -18.69
CA PRO A 153 27.97 -13.10 -19.62
C PRO A 153 28.37 -12.65 -21.00
N THR A 154 27.97 -13.41 -22.00
CA THR A 154 28.30 -13.11 -23.38
C THR A 154 27.20 -12.31 -24.05
N MET A 155 26.25 -11.79 -23.27
CA MET A 155 25.18 -10.97 -23.81
C MET A 155 25.02 -9.69 -22.99
N LYS A 156 24.55 -8.62 -23.61
CA LYS A 156 24.25 -7.39 -22.86
C LYS A 156 22.90 -7.51 -22.12
N TRP A 157 22.96 -7.77 -20.81
CA TRP A 157 21.78 -7.95 -19.96
C TRP A 157 21.11 -6.66 -19.47
N SER A 158 19.84 -6.73 -19.06
CA SER A 158 19.12 -5.70 -18.26
C SER A 158 17.90 -6.31 -17.56
N THR A 159 17.12 -5.54 -16.80
CA THR A 159 15.89 -6.10 -16.21
C THR A 159 14.68 -5.17 -16.19
N ILE A 160 13.49 -5.77 -16.31
CA ILE A 160 12.23 -5.09 -16.01
C ILE A 160 11.80 -5.80 -14.77
N ASP A 161 12.27 -5.27 -13.65
CA ASP A 161 12.14 -5.88 -12.33
C ASP A 161 10.83 -5.59 -11.65
N ARG A 162 10.02 -4.72 -12.26
CA ARG A 162 8.73 -4.37 -11.66
C ARG A 162 7.89 -3.51 -12.58
N TRP A 163 6.58 -3.49 -12.38
CA TRP A 163 5.70 -2.70 -13.23
C TRP A 163 4.28 -2.83 -12.70
N PRO A 164 4.10 -2.37 -11.47
CA PRO A 164 2.84 -2.55 -10.79
C PRO A 164 1.71 -1.65 -11.30
N THR A 165 2.02 -0.63 -12.09
CA THR A 165 0.94 0.24 -12.53
C THR A 165 0.89 0.43 -14.05
N HIS A 166 1.41 -0.53 -14.80
CA HIS A 166 1.33 -0.49 -16.23
C HIS A 166 -0.12 -0.29 -16.75
N HIS A 167 -0.30 0.76 -17.55
CA HIS A 167 -1.64 1.15 -17.98
C HIS A 167 -2.48 0.00 -18.58
N LEU A 168 -1.88 -0.80 -19.45
CA LEU A 168 -2.59 -1.95 -19.99
C LEU A 168 -2.78 -3.07 -18.95
N LEU A 169 -1.76 -3.33 -18.12
CA LEU A 169 -1.97 -4.25 -17.00
C LEU A 169 -3.22 -3.81 -16.23
N ILE A 170 -3.28 -2.52 -15.86
CA ILE A 170 -4.43 -1.97 -15.14
C ILE A 170 -5.75 -2.23 -15.92
N GLN A 171 -5.69 -2.15 -17.24
CA GLN A 171 -6.89 -2.32 -18.02
C GLN A 171 -7.39 -3.74 -17.99
N CYS A 172 -6.52 -4.68 -18.27
CA CYS A 172 -6.89 -6.09 -18.23
C CYS A 172 -7.60 -6.44 -16.94
N PHE A 173 -7.00 -6.03 -15.83
CA PHE A 173 -7.63 -6.22 -14.54
C PHE A 173 -9.06 -5.62 -14.48
N ALA A 174 -9.22 -4.35 -14.86
CA ALA A 174 -10.53 -3.69 -14.79
C ALA A 174 -11.57 -4.41 -15.66
N ASP A 175 -11.15 -4.80 -16.88
CA ASP A 175 -12.02 -5.53 -17.80
C ASP A 175 -12.48 -6.84 -17.15
N HIS A 176 -11.55 -7.58 -16.56
CA HIS A 176 -11.91 -8.85 -15.95
C HIS A 176 -12.84 -8.68 -14.74
N ILE A 177 -12.61 -7.60 -13.98
CA ILE A 177 -13.46 -7.30 -12.83
C ILE A 177 -14.86 -6.96 -13.33
N LEU A 178 -14.93 -6.00 -14.26
CA LEU A 178 -16.20 -5.59 -14.84
C LEU A 178 -17.00 -6.76 -15.38
N LYS A 179 -16.36 -7.61 -16.19
CA LYS A 179 -17.15 -8.65 -16.87
C LYS A 179 -17.59 -9.68 -15.87
N GLU A 180 -16.86 -9.83 -14.79
CA GLU A 180 -17.26 -10.75 -13.77
C GLU A 180 -18.35 -10.15 -12.93
N LEU A 181 -18.32 -8.82 -12.78
CA LEU A 181 -19.42 -8.13 -12.12
C LEU A 181 -20.72 -8.42 -12.85
N ASP A 182 -20.70 -8.38 -14.20
CA ASP A 182 -21.88 -8.64 -15.02
C ASP A 182 -22.41 -10.04 -14.78
N HIS A 183 -21.70 -10.88 -14.05
CA HIS A 183 -22.20 -12.24 -13.82
C HIS A 183 -22.93 -12.42 -12.48
N PHE A 184 -22.78 -11.43 -11.60
CA PHE A 184 -23.60 -11.35 -10.40
C PHE A 184 -25.06 -10.97 -10.78
N PRO A 185 -26.07 -11.60 -10.13
CA PRO A 185 -27.47 -11.22 -10.33
C PRO A 185 -27.68 -9.71 -10.24
N LEU A 186 -28.32 -9.11 -11.24
CA LEU A 186 -28.51 -7.66 -11.27
C LEU A 186 -28.90 -6.99 -9.95
N GLU A 187 -29.62 -7.69 -9.09
CA GLU A 187 -30.18 -7.09 -7.86
C GLU A 187 -29.12 -7.01 -6.76
N LYS A 188 -27.90 -7.41 -7.11
CA LYS A 188 -26.82 -7.42 -6.15
C LYS A 188 -25.53 -6.77 -6.66
N ARG A 189 -25.55 -6.25 -7.89
CA ARG A 189 -24.35 -5.69 -8.53
C ARG A 189 -23.76 -4.56 -7.72
N SER A 190 -24.67 -3.77 -7.15
CA SER A 190 -24.33 -2.58 -6.43
C SER A 190 -23.84 -2.97 -5.05
N GLU A 191 -24.40 -4.07 -4.54
CA GLU A 191 -24.07 -4.56 -3.21
C GLU A 191 -22.69 -5.28 -3.20
N VAL A 192 -22.18 -5.65 -4.38
CA VAL A 192 -20.92 -6.39 -4.44
C VAL A 192 -19.74 -5.68 -3.77
N VAL A 193 -19.13 -6.39 -2.82
CA VAL A 193 -17.94 -5.95 -2.14
C VAL A 193 -16.73 -6.65 -2.77
N ILE A 194 -15.67 -5.89 -3.09
CA ILE A 194 -14.48 -6.45 -3.78
C ILE A 194 -13.30 -6.79 -2.84
N LEU A 195 -12.77 -8.01 -2.94
CA LEU A 195 -11.58 -8.31 -2.16
C LEU A 195 -10.37 -8.58 -3.06
N PHE A 196 -9.46 -7.64 -3.07
CA PHE A 196 -8.23 -7.87 -3.77
C PHE A 196 -7.39 -8.80 -2.88
N SER A 197 -7.10 -10.00 -3.37
CA SER A 197 -6.32 -10.95 -2.60
C SER A 197 -4.92 -11.10 -3.21
N ALA A 198 -3.90 -10.82 -2.41
CA ALA A 198 -2.53 -11.02 -2.86
C ALA A 198 -1.80 -11.98 -1.91
N HIS A 199 -0.81 -12.69 -2.43
CA HIS A 199 -0.02 -13.58 -1.59
C HIS A 199 0.60 -12.79 -0.41
N SER A 200 0.41 -13.27 0.80
CA SER A 200 0.88 -12.58 1.98
C SER A 200 2.37 -12.73 2.13
N LEU A 201 2.93 -12.05 3.10
CA LEU A 201 4.32 -12.25 3.47
C LEU A 201 4.41 -12.45 4.97
N PRO A 202 5.49 -13.06 5.44
CA PRO A 202 5.70 -13.07 6.89
C PRO A 202 6.02 -11.67 7.33
N MET A 203 5.49 -11.24 8.45
CA MET A 203 5.84 -9.93 8.91
C MET A 203 7.33 -9.67 8.90
N SER A 204 8.15 -10.65 9.26
CA SER A 204 9.60 -10.40 9.38
C SER A 204 10.23 -9.89 8.10
N VAL A 205 9.66 -10.29 6.97
CA VAL A 205 10.12 -9.86 5.66
C VAL A 205 9.57 -8.46 5.36
N VAL A 206 8.35 -8.19 5.82
CA VAL A 206 7.72 -6.89 5.60
C VAL A 206 8.54 -5.84 6.37
N ASN A 207 8.87 -6.18 7.62
CA ASN A 207 9.48 -5.24 8.58
C ASN A 207 10.90 -4.85 8.19
N ARG A 208 11.36 -5.54 7.17
CA ARG A 208 12.70 -5.50 6.71
C ARG A 208 12.82 -4.55 5.50
N GLY A 209 11.69 -4.18 4.92
CA GLY A 209 11.61 -3.20 3.84
C GLY A 209 11.12 -3.79 2.51
N ASP A 210 10.54 -4.99 2.52
CA ASP A 210 10.17 -5.58 1.27
C ASP A 210 9.20 -4.66 0.54
N PRO A 211 9.45 -4.37 -0.76
CA PRO A 211 8.73 -3.33 -1.46
C PRO A 211 7.35 -3.78 -1.94
N TYR A 212 7.09 -5.08 -1.87
CA TYR A 212 5.78 -5.68 -2.22
C TYR A 212 4.49 -5.01 -1.70
N PRO A 213 4.29 -4.90 -0.36
CA PRO A 213 2.98 -4.42 0.10
C PRO A 213 2.57 -3.04 -0.43
N GLN A 214 3.51 -2.10 -0.42
CA GLN A 214 3.27 -0.77 -0.99
C GLN A 214 2.95 -0.85 -2.48
N GLU A 215 3.63 -1.73 -3.22
CA GLU A 215 3.38 -1.85 -4.69
C GLU A 215 2.05 -2.52 -5.04
N VAL A 216 1.66 -3.53 -4.28
CA VAL A 216 0.43 -4.22 -4.52
C VAL A 216 -0.65 -3.21 -4.17
N SER A 217 -0.44 -2.45 -3.10
CA SER A 217 -1.35 -1.36 -2.79
C SER A 217 -1.47 -0.31 -3.92
N ALA A 218 -0.35 -0.03 -4.58
CA ALA A 218 -0.32 0.90 -5.70
C ALA A 218 -1.20 0.43 -6.88
N THR A 219 -1.17 -0.88 -7.13
CA THR A 219 -1.89 -1.47 -8.23
C THR A 219 -3.39 -1.37 -7.97
N VAL A 220 -3.82 -1.82 -6.80
CA VAL A 220 -5.24 -1.78 -6.40
C VAL A 220 -5.87 -0.41 -6.63
N GLN A 221 -5.22 0.60 -6.07
CA GLN A 221 -5.70 1.96 -6.25
C GLN A 221 -5.85 2.27 -7.73
N LYS A 222 -4.82 2.02 -8.55
CA LYS A 222 -4.90 2.41 -9.96
C LYS A 222 -6.08 1.74 -10.67
N VAL A 223 -6.33 0.47 -10.33
CA VAL A 223 -7.45 -0.28 -10.91
C VAL A 223 -8.77 0.33 -10.47
N MET A 224 -8.87 0.64 -9.18
CA MET A 224 -10.09 1.23 -8.64
C MET A 224 -10.38 2.61 -9.26
N GLU A 225 -9.35 3.31 -9.69
CA GLU A 225 -9.56 4.62 -10.24
C GLU A 225 -10.19 4.43 -11.60
N ARG A 226 -9.66 3.45 -12.33
CA ARG A 226 -10.20 3.14 -13.62
C ARG A 226 -11.63 2.59 -13.50
N LEU A 227 -11.96 1.95 -12.40
CA LEU A 227 -13.33 1.48 -12.23
C LEU A 227 -14.28 2.60 -11.80
N GLU A 228 -13.72 3.80 -11.64
CA GLU A 228 -14.45 4.95 -11.11
C GLU A 228 -15.12 4.63 -9.75
N TYR A 229 -14.41 3.89 -8.89
CA TYR A 229 -14.93 3.50 -7.57
C TYR A 229 -16.40 3.03 -7.60
N CYS A 230 -16.69 2.04 -8.45
CA CYS A 230 -18.08 1.62 -8.67
C CYS A 230 -18.62 0.74 -7.55
N ASN A 231 -17.74 0.07 -6.82
CA ASN A 231 -18.11 -0.74 -5.65
C ASN A 231 -17.09 -0.53 -4.56
N PRO A 232 -17.43 -0.81 -3.28
CA PRO A 232 -16.38 -0.70 -2.24
C PRO A 232 -15.34 -1.83 -2.35
N TYR A 233 -14.12 -1.65 -1.83
CA TYR A 233 -13.11 -2.72 -1.91
C TYR A 233 -12.36 -2.93 -0.59
N ARG A 234 -11.49 -3.92 -0.55
CA ARG A 234 -10.45 -4.04 0.48
C ARG A 234 -9.25 -4.80 -0.12
N LEU A 235 -8.04 -4.56 0.40
CA LEU A 235 -6.87 -5.38 0.06
C LEU A 235 -6.55 -6.32 1.21
N VAL A 236 -6.59 -7.60 0.89
CA VAL A 236 -6.45 -8.67 1.86
C VAL A 236 -5.36 -9.67 1.40
N TRP A 237 -4.86 -10.52 2.30
CA TRP A 237 -3.71 -11.34 1.94
C TRP A 237 -3.92 -12.83 2.15
N GLN A 238 -3.58 -13.63 1.16
CA GLN A 238 -3.80 -15.06 1.25
C GLN A 238 -2.52 -15.84 1.44
N SER A 239 -2.61 -17.07 1.93
CA SER A 239 -1.52 -18.07 1.80
C SER A 239 -0.61 -18.19 3.02
N LYS A 240 -1.04 -17.59 4.13
CA LYS A 240 -0.31 -17.80 5.35
C LYS A 240 -0.18 -19.31 5.60
N VAL A 241 1.01 -19.75 5.99
CA VAL A 241 1.23 -21.10 6.49
C VAL A 241 2.04 -21.07 7.81
N GLY A 242 1.65 -21.93 8.75
CA GLY A 242 2.39 -22.06 10.01
C GLY A 242 2.14 -20.96 11.02
N PRO A 243 2.69 -21.10 12.24
CA PRO A 243 2.23 -20.25 13.36
C PRO A 243 2.74 -18.78 13.40
N MET A 244 3.69 -18.39 12.54
CA MET A 244 4.29 -17.05 12.70
C MET A 244 3.36 -15.92 12.20
N PRO A 245 3.62 -14.66 12.61
CA PRO A 245 2.82 -13.51 12.10
C PRO A 245 3.11 -13.20 10.64
N TRP A 246 2.04 -13.02 9.87
CA TRP A 246 2.10 -12.53 8.50
C TRP A 246 1.20 -11.33 8.35
N LEU A 247 1.36 -10.64 7.22
CA LEU A 247 0.57 -9.47 6.89
C LEU A 247 -0.92 -9.79 6.67
N GLY A 248 -1.75 -8.97 7.33
CA GLY A 248 -3.18 -9.11 7.34
C GLY A 248 -3.94 -7.92 6.74
N PRO A 249 -5.28 -8.09 6.61
CA PRO A 249 -6.06 -9.24 7.09
C PRO A 249 -5.90 -10.53 6.25
N GLN A 250 -6.42 -11.66 6.73
CA GLN A 250 -6.33 -12.88 5.94
C GLN A 250 -7.53 -12.99 5.01
N THR A 251 -7.25 -13.26 3.74
CA THR A 251 -8.28 -13.38 2.73
C THR A 251 -9.47 -14.19 3.24
N ASP A 252 -9.20 -15.32 3.88
CA ASP A 252 -10.26 -16.19 4.38
C ASP A 252 -11.02 -15.55 5.53
N GLU A 253 -10.30 -15.10 6.55
CA GLU A 253 -10.86 -14.38 7.69
C GLU A 253 -11.74 -13.25 7.18
N SER A 254 -11.30 -12.57 6.13
CA SER A 254 -12.06 -11.47 5.59
C SER A 254 -13.35 -11.93 4.92
N ILE A 255 -13.30 -13.06 4.22
CA ILE A 255 -14.54 -13.64 3.71
C ILE A 255 -15.55 -13.98 4.83
N LYS A 256 -15.11 -14.74 5.84
CA LYS A 256 -15.97 -15.12 6.95
C LYS A 256 -16.52 -13.85 7.62
N GLY A 257 -15.60 -13.00 8.07
CA GLY A 257 -15.94 -11.69 8.59
C GLY A 257 -17.07 -10.97 7.87
N LEU A 258 -16.96 -10.74 6.58
CA LEU A 258 -17.99 -9.98 5.89
C LEU A 258 -19.33 -10.71 5.93
N CYS A 259 -19.29 -12.03 5.88
CA CYS A 259 -20.50 -12.84 5.88
C CYS A 259 -21.18 -12.69 7.20
N GLU A 260 -20.41 -12.70 8.28
CA GLU A 260 -21.00 -12.59 9.59
C GLU A 260 -21.70 -11.25 9.81
N ARG A 261 -21.39 -10.28 8.94
CA ARG A 261 -21.85 -8.90 9.09
C ARG A 261 -22.76 -8.49 7.95
N GLY A 262 -23.21 -9.48 7.19
CA GLY A 262 -24.22 -9.28 6.17
C GLY A 262 -23.74 -8.82 4.82
N ARG A 263 -22.43 -8.85 4.58
CA ARG A 263 -21.98 -8.49 3.25
C ARG A 263 -21.76 -9.78 2.52
N LYS A 264 -22.84 -10.30 1.93
CA LYS A 264 -22.81 -11.67 1.44
C LYS A 264 -22.58 -11.77 -0.07
N ASN A 265 -22.27 -10.65 -0.70
CA ASN A 265 -21.84 -10.69 -2.11
C ASN A 265 -20.42 -10.23 -2.33
N ILE A 266 -19.51 -11.20 -2.36
CA ILE A 266 -18.10 -10.97 -2.42
C ILE A 266 -17.55 -11.40 -3.77
N LEU A 267 -16.87 -10.48 -4.45
CA LEU A 267 -16.06 -10.80 -5.63
C LEU A 267 -14.55 -10.78 -5.29
N LEU A 268 -13.86 -11.83 -5.70
CA LEU A 268 -12.45 -12.03 -5.40
C LEU A 268 -11.65 -11.69 -6.61
N VAL A 269 -10.65 -10.86 -6.40
CA VAL A 269 -9.87 -10.35 -7.50
C VAL A 269 -8.41 -10.58 -7.20
N PRO A 270 -7.81 -11.57 -7.87
CA PRO A 270 -6.38 -11.93 -7.72
C PRO A 270 -5.42 -10.90 -8.34
N ILE A 271 -5.02 -9.92 -7.54
CA ILE A 271 -4.23 -8.79 -8.02
C ILE A 271 -2.69 -8.99 -8.04
N ALA A 272 -2.16 -10.04 -7.44
CA ALA A 272 -0.70 -10.19 -7.34
C ALA A 272 -0.04 -11.15 -8.35
N PHE A 273 -0.85 -11.75 -9.22
CA PHE A 273 -0.31 -12.64 -10.22
C PHE A 273 -1.11 -12.63 -11.50
N THR A 274 -0.43 -12.90 -12.61
CA THR A 274 -0.99 -12.80 -13.98
C THR A 274 -1.67 -14.07 -14.57
N SER A 275 -1.49 -15.23 -13.95
CA SER A 275 -2.05 -16.49 -14.48
C SER A 275 -2.63 -17.30 -13.34
N ASP A 276 -3.43 -18.30 -13.71
CA ASP A 276 -3.91 -19.22 -12.72
C ASP A 276 -2.73 -20.01 -12.22
N HIS A 277 -2.88 -20.47 -11.00
CA HIS A 277 -1.92 -21.32 -10.36
C HIS A 277 -2.62 -21.79 -9.08
N ILE A 278 -1.89 -22.52 -8.23
CA ILE A 278 -2.46 -23.10 -7.00
C ILE A 278 -3.23 -22.09 -6.10
N ASP A 279 -2.73 -20.87 -6.01
CA ASP A 279 -3.31 -19.85 -5.17
C ASP A 279 -4.71 -19.47 -5.58
N THR A 280 -5.08 -19.70 -6.84
CA THR A 280 -6.45 -19.37 -7.28
C THR A 280 -7.28 -20.61 -7.43
N LEU A 281 -6.68 -21.63 -8.05
CA LEU A 281 -7.47 -22.80 -8.42
C LEU A 281 -7.82 -23.69 -7.22
N TYR A 282 -6.90 -23.82 -6.27
CA TYR A 282 -7.18 -24.49 -5.02
C TYR A 282 -7.57 -23.53 -3.91
N GLU A 283 -6.67 -22.60 -3.54
CA GLU A 283 -6.96 -21.78 -2.38
C GLU A 283 -8.29 -20.99 -2.52
N LEU A 284 -8.40 -20.14 -3.54
CA LEU A 284 -9.56 -19.28 -3.66
C LEU A 284 -10.81 -20.04 -4.11
N ASP A 285 -10.71 -20.80 -5.20
CA ASP A 285 -11.90 -21.42 -5.84
C ASP A 285 -12.47 -22.61 -5.04
N ILE A 286 -11.59 -23.30 -4.32
CA ILE A 286 -11.98 -24.52 -3.63
C ILE A 286 -12.05 -24.33 -2.11
N GLU A 287 -10.90 -24.14 -1.48
CA GLU A 287 -10.86 -24.04 -0.03
C GLU A 287 -11.64 -22.82 0.52
N TYR A 288 -11.75 -21.74 -0.27
CA TYR A 288 -12.52 -20.54 0.15
C TYR A 288 -13.94 -20.38 -0.46
N SER A 289 -14.06 -20.25 -1.79
CA SER A 289 -15.40 -20.08 -2.44
C SER A 289 -16.35 -21.29 -2.32
N GLN A 290 -15.77 -22.47 -2.15
CA GLN A 290 -16.55 -23.70 -2.02
C GLN A 290 -16.96 -23.94 -0.57
N VAL A 291 -16.04 -24.51 0.21
CA VAL A 291 -16.31 -24.80 1.61
C VAL A 291 -16.63 -23.53 2.38
N LEU A 292 -15.61 -22.93 2.99
CA LEU A 292 -15.78 -21.71 3.76
C LEU A 292 -17.09 -21.01 3.41
N ALA A 293 -17.14 -20.44 2.22
CA ALA A 293 -18.34 -19.72 1.74
C ALA A 293 -19.64 -20.50 1.99
N LYS A 294 -19.62 -21.82 1.80
CA LYS A 294 -20.77 -22.63 2.15
C LYS A 294 -21.07 -22.49 3.66
N GLU A 295 -20.09 -22.71 4.54
CA GLU A 295 -20.42 -22.69 5.98
C GLU A 295 -20.51 -21.31 6.68
N CYS A 296 -20.55 -20.22 5.91
CA CYS A 296 -20.62 -18.86 6.48
C CYS A 296 -21.89 -18.17 6.08
N GLY A 297 -22.68 -18.85 5.25
CA GLY A 297 -23.93 -18.34 4.76
C GLY A 297 -23.79 -17.41 3.57
N VAL A 298 -22.78 -17.62 2.73
CA VAL A 298 -22.58 -16.75 1.57
C VAL A 298 -23.78 -16.79 0.61
N GLU A 299 -23.96 -15.69 -0.14
CA GLU A 299 -24.99 -15.56 -1.17
C GLU A 299 -24.41 -15.71 -2.59
N ASN A 300 -23.57 -14.77 -3.01
CA ASN A 300 -22.75 -15.05 -4.17
C ASN A 300 -21.31 -14.75 -3.89
N ILE A 301 -20.46 -15.57 -4.46
CA ILE A 301 -19.04 -15.37 -4.33
C ILE A 301 -18.54 -15.69 -5.70
N ARG A 302 -17.63 -14.87 -6.21
CA ARG A 302 -17.08 -15.11 -7.55
C ARG A 302 -15.62 -14.71 -7.62
N ARG A 303 -14.92 -15.16 -8.65
CA ARG A 303 -13.51 -14.83 -8.76
C ARG A 303 -13.20 -14.36 -10.15
N ALA A 304 -12.85 -13.09 -10.30
CA ALA A 304 -12.52 -12.55 -11.61
C ALA A 304 -11.49 -13.47 -12.29
N GLU A 305 -11.62 -13.62 -13.60
CA GLU A 305 -10.76 -14.50 -14.35
C GLU A 305 -9.32 -14.00 -14.30
N SER A 306 -8.35 -14.91 -14.09
CA SER A 306 -6.93 -14.53 -14.19
C SER A 306 -6.61 -14.08 -15.65
N LEU A 307 -5.65 -13.16 -15.82
CA LEU A 307 -5.38 -12.58 -17.16
C LEU A 307 -5.19 -13.62 -18.25
N ASN A 308 -4.44 -14.66 -17.91
CA ASN A 308 -4.28 -15.84 -18.76
C ASN A 308 -4.00 -15.49 -20.21
N GLY A 309 -4.84 -15.98 -21.11
CA GLY A 309 -4.62 -15.74 -22.52
C GLY A 309 -5.20 -14.48 -23.12
N ASN A 310 -5.69 -13.56 -22.27
CA ASN A 310 -6.29 -12.34 -22.77
C ASN A 310 -5.26 -11.66 -23.63
N PRO A 311 -5.61 -11.39 -24.91
CA PRO A 311 -4.69 -10.78 -25.89
C PRO A 311 -4.22 -9.41 -25.48
N LEU A 312 -5.00 -8.75 -24.65
CA LEU A 312 -4.62 -7.44 -24.14
C LEU A 312 -3.44 -7.50 -23.15
N PHE A 313 -3.31 -8.61 -22.44
CA PHE A 313 -2.16 -8.80 -21.59
C PHE A 313 -0.91 -9.03 -22.43
N SER A 314 -1.10 -9.74 -23.55
CA SER A 314 -0.06 -9.86 -24.58
C SER A 314 0.50 -8.50 -24.95
N LYS A 315 -0.38 -7.58 -25.34
CA LYS A 315 0.00 -6.24 -25.71
C LYS A 315 0.81 -5.57 -24.60
N ALA A 316 0.34 -5.77 -23.37
CA ALA A 316 0.94 -5.18 -22.20
C ALA A 316 2.39 -5.60 -22.12
N LEU A 317 2.61 -6.89 -22.32
CA LEU A 317 3.94 -7.44 -22.22
C LEU A 317 4.83 -6.82 -23.32
N ALA A 318 4.37 -6.84 -24.56
CA ALA A 318 5.19 -6.28 -25.65
C ALA A 318 5.47 -4.80 -25.44
N ASP A 319 4.46 -4.07 -24.97
CA ASP A 319 4.64 -2.65 -24.71
C ASP A 319 5.75 -2.36 -23.73
N LEU A 320 5.73 -3.01 -22.56
CA LEU A 320 6.76 -2.89 -21.51
C LEU A 320 8.18 -3.09 -22.01
N VAL A 321 8.40 -4.23 -22.66
CA VAL A 321 9.67 -4.60 -23.22
C VAL A 321 10.10 -3.53 -24.23
N HIS A 322 9.26 -3.29 -25.23
CA HIS A 322 9.46 -2.23 -26.23
C HIS A 322 9.89 -0.90 -25.65
N SER A 323 9.07 -0.32 -24.79
CA SER A 323 9.46 0.90 -24.06
C SER A 323 10.82 0.79 -23.35
N HIS A 324 11.05 -0.34 -22.63
CA HIS A 324 12.30 -0.61 -21.89
C HIS A 324 13.52 -0.54 -22.81
N ILE A 325 13.39 -1.11 -24.03
CA ILE A 325 14.41 -0.98 -25.07
C ILE A 325 14.54 0.48 -25.53
N GLN A 326 13.42 1.12 -25.84
CA GLN A 326 13.45 2.55 -26.19
C GLN A 326 14.11 3.45 -25.14
N SER A 327 14.02 3.08 -23.86
CA SER A 327 14.61 3.89 -22.80
C SER A 327 16.07 3.62 -22.46
N ASN A 328 16.62 2.50 -22.93
CA ASN A 328 17.99 2.12 -22.54
C ASN A 328 18.14 1.96 -21.02
N GLU A 329 17.04 1.70 -20.31
CA GLU A 329 17.11 1.49 -18.89
C GLU A 329 17.70 0.12 -18.65
N LEU A 330 18.53 0.00 -17.63
CA LEU A 330 19.10 -1.28 -17.24
C LEU A 330 18.33 -1.98 -16.12
N CYS A 331 17.68 -1.19 -15.26
CA CYS A 331 16.82 -1.69 -14.17
C CYS A 331 16.09 -0.47 -13.62
N SER A 332 14.91 -0.67 -13.01
CA SER A 332 14.20 0.43 -12.35
C SER A 332 15.11 1.20 -11.38
N LYS A 333 14.79 2.47 -11.15
CA LYS A 333 15.42 3.20 -10.08
C LYS A 333 15.23 2.47 -8.75
N GLN A 334 14.06 1.87 -8.55
CA GLN A 334 13.80 1.12 -7.31
C GLN A 334 14.83 0.02 -7.00
N LEU A 335 15.28 -0.71 -8.01
CA LEU A 335 16.19 -1.84 -7.75
C LEU A 335 17.48 -1.34 -7.15
N THR A 336 17.81 -0.07 -7.39
CA THR A 336 19.06 0.51 -6.89
C THR A 336 18.97 0.84 -5.37
N LEU A 337 17.88 0.44 -4.75
CA LEU A 337 17.77 0.55 -3.31
C LEU A 337 17.35 -0.77 -2.69
N SER A 338 18.29 -1.41 -2.02
CA SER A 338 17.99 -2.63 -1.32
C SER A 338 17.20 -2.35 -0.03
N CYS A 339 16.42 -3.32 0.48
CA CYS A 339 15.66 -3.10 1.73
C CYS A 339 16.57 -2.56 2.84
N PRO A 340 16.11 -1.52 3.55
CA PRO A 340 16.92 -0.87 4.58
C PRO A 340 17.46 -1.82 5.61
N LEU A 341 16.75 -2.91 5.86
CA LEU A 341 17.15 -3.87 6.89
C LEU A 341 17.66 -5.23 6.35
N CYS A 342 18.05 -5.23 5.09
CA CYS A 342 18.52 -6.41 4.42
C CYS A 342 19.80 -6.91 5.09
N VAL A 343 19.69 -8.13 5.63
CA VAL A 343 20.81 -9.04 5.74
C VAL A 343 20.84 -9.76 4.36
N ASN A 344 21.84 -10.58 4.06
CA ASN A 344 21.98 -11.18 2.69
C ASN A 344 22.89 -10.41 1.72
N PRO A 345 24.17 -10.78 1.74
CA PRO A 345 25.31 -10.17 1.03
C PRO A 345 25.07 -10.12 -0.48
N VAL A 346 24.23 -11.03 -0.97
CA VAL A 346 24.02 -11.19 -2.41
C VAL A 346 23.16 -10.09 -3.08
N CYS A 347 22.27 -9.43 -2.32
CA CYS A 347 21.36 -8.44 -2.92
C CYS A 347 22.13 -7.30 -3.57
N ARG A 348 23.11 -6.77 -2.84
CA ARG A 348 24.00 -5.77 -3.38
C ARG A 348 24.68 -6.26 -4.66
N GLU A 349 25.13 -7.52 -4.66
CA GLU A 349 25.89 -8.12 -5.79
C GLU A 349 25.10 -8.16 -7.10
N THR A 350 23.84 -8.51 -6.94
CA THR A 350 22.87 -8.61 -7.99
C THR A 350 22.55 -7.22 -8.53
N LYS A 351 22.25 -6.30 -7.62
CA LYS A 351 21.98 -4.94 -7.99
C LYS A 351 23.16 -4.39 -8.80
N SER A 352 24.37 -4.71 -8.37
CA SER A 352 25.56 -4.33 -9.11
C SER A 352 25.70 -5.05 -10.45
N PHE A 353 25.42 -6.34 -10.49
CA PHE A 353 25.36 -7.01 -11.79
C PHE A 353 24.46 -6.29 -12.82
N PHE A 354 23.31 -5.75 -12.39
CA PHE A 354 22.44 -5.05 -13.31
C PHE A 354 22.78 -3.62 -13.62
N THR A 355 23.12 -2.81 -12.63
CA THR A 355 23.50 -1.41 -12.92
C THR A 355 24.86 -1.30 -13.65
N SER A 356 25.69 -2.34 -13.59
CA SER A 356 27.06 -2.22 -14.10
C SER A 356 27.21 -2.69 -15.53
N GLN A 357 26.16 -3.29 -16.06
CA GLN A 357 26.14 -3.85 -17.42
C GLN A 357 26.65 -2.91 -18.51
N GLN A 358 27.22 -3.46 -19.57
CA GLN A 358 27.73 -2.61 -20.63
C GLN A 358 26.60 -2.02 -21.43
N LEU A 359 26.68 -0.70 -21.57
CA LEU A 359 25.77 0.24 -22.29
C LEU A 359 24.44 0.67 -21.66
N ARG B 1 -23.96 38.87 5.82
CA ARG B 1 -24.71 37.67 5.36
C ARG B 1 -24.35 36.48 6.24
N LYS B 2 -25.35 35.89 6.88
CA LYS B 2 -25.10 34.78 7.79
C LYS B 2 -24.52 33.60 6.99
N PRO B 3 -23.73 32.77 7.66
CA PRO B 3 -23.10 31.62 7.02
C PRO B 3 -24.13 30.64 6.46
N LYS B 4 -23.84 30.07 5.30
CA LYS B 4 -24.74 29.11 4.67
C LYS B 4 -24.17 27.70 4.75
N THR B 5 -23.02 27.49 4.13
CA THR B 5 -22.36 26.19 4.15
C THR B 5 -21.27 26.15 5.20
N GLY B 6 -21.23 25.07 5.98
CA GLY B 6 -20.23 24.93 7.04
C GLY B 6 -19.25 23.80 6.81
N ILE B 7 -17.97 24.13 6.86
CA ILE B 7 -16.92 23.14 6.59
C ILE B 7 -16.17 22.76 7.86
N LEU B 8 -16.49 21.58 8.36
CA LEU B 8 -15.92 21.08 9.58
C LEU B 8 -14.64 20.38 9.23
N MET B 9 -13.53 20.97 9.64
CA MET B 9 -12.23 20.39 9.38
C MET B 9 -11.85 19.52 10.56
N LEU B 10 -11.76 18.22 10.31
CA LEU B 10 -11.50 17.25 11.36
C LEU B 10 -10.03 16.90 11.42
N ASN B 11 -9.58 16.65 12.64
CA ASN B 11 -8.19 16.33 12.92
C ASN B 11 -8.08 15.93 14.37
N MET B 12 -7.04 15.17 14.70
CA MET B 12 -6.92 14.63 16.09
C MET B 12 -6.63 15.67 17.19
N GLY B 13 -5.84 16.69 16.85
CA GLY B 13 -5.39 17.71 17.80
C GLY B 13 -4.06 17.46 18.50
N GLY B 14 -3.62 18.45 19.26
CA GLY B 14 -2.43 18.34 20.11
C GLY B 14 -2.41 19.56 21.02
N PRO B 15 -1.90 19.40 22.26
CA PRO B 15 -2.00 20.46 23.24
C PRO B 15 -1.36 21.74 22.73
N GLU B 16 -2.05 22.87 22.90
CA GLU B 16 -1.52 24.14 22.45
C GLU B 16 -0.44 24.61 23.40
N THR B 17 -0.38 24.07 24.63
CA THR B 17 0.63 24.50 25.63
C THR B 17 0.92 23.36 26.53
N LEU B 18 2.02 23.47 27.28
CA LEU B 18 2.39 22.42 28.25
C LEU B 18 1.28 22.10 29.22
N GLY B 19 0.47 23.11 29.56
CA GLY B 19 -0.63 22.96 30.49
C GLY B 19 -1.81 22.17 29.95
N ASP B 20 -1.92 22.06 28.62
CA ASP B 20 -3.01 21.27 28.03
C ASP B 20 -2.67 19.79 27.88
N VAL B 21 -1.43 19.41 28.16
CA VAL B 21 -0.98 18.03 27.92
C VAL B 21 -1.87 17.05 28.69
N HIS B 22 -2.11 17.31 29.98
CA HIS B 22 -2.93 16.41 30.79
C HIS B 22 -4.31 16.03 30.17
N ASP B 23 -5.16 17.02 29.95
CA ASP B 23 -6.53 16.77 29.49
C ASP B 23 -6.58 16.02 28.14
N PHE B 24 -5.68 16.40 27.23
CA PHE B 24 -5.42 15.69 25.96
C PHE B 24 -5.27 14.17 26.15
N LEU B 25 -4.37 13.76 27.02
CA LEU B 25 -4.15 12.35 27.33
C LEU B 25 -5.36 11.73 28.00
N LEU B 26 -5.94 12.44 28.98
CA LEU B 26 -7.17 11.97 29.64
C LEU B 26 -8.27 11.62 28.62
N ARG B 27 -8.43 12.46 27.61
CA ARG B 27 -9.42 12.25 26.55
C ARG B 27 -9.06 11.13 25.56
N LEU B 28 -7.77 10.88 25.32
CA LEU B 28 -7.33 9.78 24.47
C LEU B 28 -7.65 8.46 25.15
N PHE B 29 -7.34 8.38 26.43
CA PHE B 29 -7.48 7.12 27.14
C PHE B 29 -8.95 6.78 27.45
N LEU B 30 -9.84 7.78 27.42
CA LEU B 30 -11.28 7.52 27.66
C LEU B 30 -12.04 7.05 26.39
N ASP B 31 -11.33 7.03 25.26
CA ASP B 31 -11.95 6.67 23.99
C ASP B 31 -12.15 5.17 23.85
N ARG B 32 -13.41 4.74 23.88
CA ARG B 32 -13.74 3.33 23.66
C ARG B 32 -13.54 2.94 22.20
N ASP B 33 -13.11 3.90 21.38
CA ASP B 33 -12.87 3.68 19.95
C ASP B 33 -11.44 3.18 19.64
N LEU B 34 -10.65 3.12 20.71
CA LEU B 34 -9.23 2.95 20.69
C LEU B 34 -8.54 2.33 21.82
N MET B 35 -9.14 2.10 22.91
CA MET B 35 -8.48 1.54 24.09
C MET B 35 -9.48 0.80 24.81
N THR B 36 -9.37 -0.52 24.97
CA THR B 36 -10.22 -1.32 25.87
C THR B 36 -9.46 -1.65 27.14
N LEU B 37 -9.49 -0.70 28.06
CA LEU B 37 -8.91 -0.91 29.35
C LEU B 37 -9.99 -1.28 30.33
N PRO B 38 -9.73 -2.30 31.15
CA PRO B 38 -10.44 -2.63 32.38
C PRO B 38 -10.82 -1.36 33.14
N ILE B 39 -11.97 -1.37 33.81
CA ILE B 39 -12.42 -0.20 34.57
C ILE B 39 -11.92 1.10 33.93
N GLN B 40 -12.24 1.29 32.65
CA GLN B 40 -11.64 2.39 31.86
C GLN B 40 -11.77 3.75 32.53
N ASN B 41 -12.88 3.97 33.23
CA ASN B 41 -13.16 5.29 33.81
C ASN B 41 -12.20 5.64 34.97
N LYS B 42 -11.60 4.61 35.55
CA LYS B 42 -10.61 4.77 36.64
C LYS B 42 -9.17 4.69 36.12
N LEU B 43 -8.91 3.83 35.13
CA LEU B 43 -7.56 3.65 34.61
C LEU B 43 -6.96 4.89 33.92
N ALA B 44 -7.69 5.45 32.97
CA ALA B 44 -7.24 6.58 32.16
C ALA B 44 -6.79 7.84 32.94
N PRO B 45 -7.58 8.28 33.95
CA PRO B 45 -7.12 9.40 34.79
C PRO B 45 -5.76 9.15 35.42
N PHE B 46 -5.52 7.90 35.82
CA PHE B 46 -4.23 7.48 36.33
C PHE B 46 -3.16 7.45 35.21
N ILE B 47 -3.44 6.71 34.13
CA ILE B 47 -2.48 6.55 33.04
C ILE B 47 -2.11 7.89 32.37
N ALA B 48 -2.86 8.95 32.69
CA ALA B 48 -2.56 10.26 32.18
C ALA B 48 -1.64 11.00 33.15
N LYS B 49 -2.10 11.11 34.41
CA LYS B 49 -1.31 11.70 35.49
C LYS B 49 0.11 11.17 35.40
N ARG B 50 0.24 9.98 34.83
CA ARG B 50 1.50 9.27 34.84
C ARG B 50 2.33 9.58 33.60
N ARG B 51 1.69 9.56 32.44
CA ARG B 51 2.42 9.76 31.19
C ARG B 51 2.68 11.24 30.92
N THR B 52 1.97 12.12 31.62
CA THR B 52 1.98 13.55 31.31
C THR B 52 3.38 14.19 31.25
N PRO B 53 4.24 13.94 32.26
CA PRO B 53 5.63 14.44 32.26
C PRO B 53 6.50 14.06 31.04
N LYS B 54 6.44 12.79 30.62
CA LYS B 54 7.08 12.36 29.38
C LYS B 54 6.68 13.27 28.20
N ILE B 55 5.37 13.43 28.03
CA ILE B 55 4.81 14.10 26.87
C ILE B 55 5.05 15.60 26.87
N GLN B 56 4.94 16.23 28.05
CA GLN B 56 5.28 17.63 28.23
C GLN B 56 6.71 17.91 27.76
N GLU B 57 7.63 17.12 28.29
CA GLU B 57 9.06 17.25 27.98
C GLU B 57 9.27 17.22 26.46
N GLN B 58 8.47 16.42 25.75
CA GLN B 58 8.58 16.41 24.32
C GLN B 58 8.18 17.74 23.75
N TYR B 59 7.00 18.24 24.11
CA TYR B 59 6.56 19.55 23.58
C TYR B 59 7.54 20.68 23.92
N ARG B 60 8.04 20.70 25.16
CA ARG B 60 9.10 21.64 25.56
C ARG B 60 10.17 21.64 24.48
N ARG B 61 10.68 20.45 24.14
CA ARG B 61 11.77 20.29 23.20
C ARG B 61 11.44 20.92 21.88
N ILE B 62 10.18 21.21 21.61
CA ILE B 62 9.82 21.87 20.33
C ILE B 62 9.19 23.24 20.51
N GLY B 63 9.68 24.02 21.46
CA GLY B 63 9.17 25.37 21.64
C GLY B 63 8.00 25.56 22.61
N GLY B 64 7.21 24.51 22.88
CA GLY B 64 6.25 24.58 23.99
C GLY B 64 4.87 23.97 23.90
N GLY B 65 4.53 23.47 22.70
CA GLY B 65 3.19 22.95 22.35
C GLY B 65 2.98 22.76 20.84
N SER B 66 1.76 22.38 20.45
CA SER B 66 1.43 22.07 19.06
C SER B 66 1.05 23.24 18.13
N PRO B 67 1.68 23.28 16.96
CA PRO B 67 1.32 24.24 15.92
C PRO B 67 0.10 23.82 15.11
N ILE B 68 -0.52 22.71 15.47
CA ILE B 68 -1.62 22.22 14.64
C ILE B 68 -2.74 23.24 14.34
N LYS B 69 -3.29 23.86 15.38
CA LYS B 69 -4.34 24.84 15.25
C LYS B 69 -3.90 26.06 14.41
N ILE B 70 -2.69 26.58 14.62
CA ILE B 70 -2.25 27.73 13.83
C ILE B 70 -2.34 27.41 12.34
N TRP B 71 -1.81 26.25 11.96
CA TRP B 71 -1.87 25.82 10.55
C TRP B 71 -3.28 25.48 10.05
N THR B 72 -4.09 24.83 10.89
CA THR B 72 -5.43 24.40 10.50
C THR B 72 -6.20 25.69 10.17
N SER B 73 -6.16 26.66 11.10
CA SER B 73 -6.76 28.00 10.92
C SER B 73 -6.46 28.68 9.58
N LYS B 74 -5.16 28.73 9.27
CA LYS B 74 -4.69 29.49 8.14
C LYS B 74 -5.19 28.75 6.91
N GLN B 75 -4.96 27.43 6.89
CA GLN B 75 -5.34 26.62 5.75
C GLN B 75 -6.80 26.83 5.50
N GLY B 76 -7.59 26.85 6.57
CA GLY B 76 -9.02 27.13 6.51
C GLY B 76 -9.46 28.49 5.99
N GLU B 77 -8.80 29.58 6.39
CA GLU B 77 -9.14 30.89 5.81
C GLU B 77 -8.94 30.92 4.31
N GLY B 78 -7.84 30.33 3.84
CA GLY B 78 -7.54 30.33 2.40
C GLY B 78 -8.57 29.57 1.57
N MET B 79 -9.02 28.46 2.15
CA MET B 79 -10.00 27.56 1.56
C MET B 79 -11.33 28.31 1.38
N VAL B 80 -11.75 29.00 2.42
CA VAL B 80 -12.97 29.77 2.39
C VAL B 80 -12.92 30.94 1.41
N LYS B 81 -11.82 31.69 1.37
CA LYS B 81 -11.72 32.81 0.41
C LYS B 81 -12.08 32.23 -0.94
N LEU B 82 -11.37 31.17 -1.30
CA LEU B 82 -11.51 30.54 -2.60
C LEU B 82 -12.93 29.98 -2.81
N LEU B 83 -13.47 29.30 -1.80
CA LEU B 83 -14.79 28.73 -1.93
C LEU B 83 -15.83 29.79 -2.29
N ASP B 84 -15.89 30.88 -1.54
CA ASP B 84 -16.79 31.99 -1.84
C ASP B 84 -16.70 32.48 -3.29
N GLU B 85 -15.58 32.26 -3.97
CA GLU B 85 -15.47 32.68 -5.37
C GLU B 85 -15.71 31.56 -6.37
N LEU B 86 -15.60 30.31 -5.91
CA LEU B 86 -15.76 29.12 -6.75
C LEU B 86 -17.21 28.68 -6.79
N SER B 87 -17.81 28.61 -5.60
CA SER B 87 -19.18 28.16 -5.48
C SER B 87 -20.03 29.23 -4.78
N PRO B 88 -20.41 30.31 -5.52
CA PRO B 88 -21.18 31.40 -4.90
C PRO B 88 -22.62 30.97 -4.57
N ASN B 89 -23.08 29.87 -5.18
CA ASN B 89 -24.42 29.37 -4.95
C ASN B 89 -24.63 28.93 -3.50
N THR B 90 -23.59 28.35 -2.91
CA THR B 90 -23.66 27.88 -1.54
C THR B 90 -23.57 29.04 -0.54
N ALA B 91 -23.62 30.26 -1.07
CA ALA B 91 -23.55 31.46 -0.24
C ALA B 91 -22.23 31.51 0.53
N PRO B 92 -22.20 32.32 1.58
CA PRO B 92 -21.00 32.47 2.41
C PRO B 92 -20.54 31.13 2.99
N HIS B 93 -19.24 30.89 2.98
CA HIS B 93 -18.69 29.65 3.50
C HIS B 93 -17.90 29.89 4.79
N LYS B 94 -18.20 29.11 5.82
CA LYS B 94 -17.53 29.23 7.08
C LYS B 94 -16.80 27.93 7.40
N TYR B 95 -15.61 28.04 7.99
CA TYR B 95 -14.86 26.85 8.38
C TYR B 95 -14.89 26.68 9.88
N TYR B 96 -15.11 25.45 10.37
CA TYR B 96 -15.07 25.21 11.84
C TYR B 96 -14.02 24.18 12.16
N ILE B 97 -13.31 24.36 13.26
CA ILE B 97 -12.30 23.36 13.65
C ILE B 97 -12.88 22.39 14.66
N GLY B 98 -12.91 21.11 14.28
CA GLY B 98 -13.26 20.03 15.20
C GLY B 98 -12.09 19.11 15.48
N PHE B 99 -11.34 19.41 16.54
CA PHE B 99 -10.33 18.49 17.06
C PHE B 99 -10.97 17.40 17.90
N ARG B 100 -10.38 16.21 17.89
CA ARG B 100 -10.93 15.06 18.61
C ARG B 100 -10.66 15.10 20.12
N TYR B 101 -9.48 15.56 20.51
CA TYR B 101 -9.03 15.44 21.89
C TYR B 101 -8.59 16.76 22.52
N VAL B 102 -8.79 17.89 21.83
CA VAL B 102 -8.62 19.20 22.48
C VAL B 102 -9.64 20.17 22.02
N HIS B 103 -9.80 21.26 22.77
CA HIS B 103 -10.71 22.32 22.33
C HIS B 103 -10.07 22.96 21.10
N PRO B 104 -10.89 23.46 20.16
CA PRO B 104 -12.34 23.27 20.17
C PRO B 104 -12.62 21.84 19.77
N LEU B 105 -13.42 21.12 20.57
CA LEU B 105 -13.72 19.71 20.31
C LEU B 105 -14.81 19.60 19.25
N THR B 106 -14.83 18.49 18.53
CA THR B 106 -15.87 18.21 17.55
C THR B 106 -17.24 18.58 18.11
N GLU B 107 -17.48 18.19 19.36
CA GLU B 107 -18.79 18.39 20.01
C GLU B 107 -19.10 19.89 20.01
N GLU B 108 -18.15 20.66 20.54
CA GLU B 108 -18.28 22.09 20.62
C GLU B 108 -18.49 22.69 19.23
N ALA B 109 -17.74 22.21 18.24
CA ALA B 109 -17.87 22.75 16.91
C ALA B 109 -19.28 22.50 16.39
N ILE B 110 -19.79 21.29 16.59
CA ILE B 110 -21.12 20.98 16.12
C ILE B 110 -22.20 21.92 16.69
N GLU B 111 -22.14 22.19 18.02
CA GLU B 111 -23.00 23.20 18.68
C GLU B 111 -22.96 24.55 17.98
N GLU B 112 -21.75 25.01 17.69
CA GLU B 112 -21.58 26.32 17.08
C GLU B 112 -22.12 26.32 15.67
N MET B 113 -21.96 25.22 14.95
CA MET B 113 -22.47 25.14 13.59
C MET B 113 -24.00 25.12 13.61
N GLU B 114 -24.55 24.36 14.57
CA GLU B 114 -26.00 24.26 14.76
C GLU B 114 -26.64 25.65 14.94
N ARG B 115 -26.18 26.33 16.00
CA ARG B 115 -26.68 27.64 16.30
C ARG B 115 -26.01 28.69 15.43
N ASP B 116 -25.86 28.36 14.16
CA ASP B 116 -25.55 29.38 13.19
C ASP B 116 -26.56 29.26 12.07
N GLY B 117 -27.41 28.24 12.15
CA GLY B 117 -28.44 27.98 11.14
C GLY B 117 -27.87 27.84 9.74
N LEU B 118 -26.84 27.01 9.60
CA LEU B 118 -26.31 26.68 8.29
C LEU B 118 -27.33 25.81 7.52
N GLU B 119 -27.25 25.85 6.19
CA GLU B 119 -28.03 24.93 5.38
C GLU B 119 -27.29 23.62 5.19
N ARG B 120 -25.96 23.69 5.21
CA ARG B 120 -25.16 22.51 4.92
C ARG B 120 -23.91 22.39 5.77
N ALA B 121 -23.74 21.21 6.36
CA ALA B 121 -22.58 20.87 7.17
C ALA B 121 -21.81 19.76 6.47
N ILE B 122 -20.51 20.00 6.28
CA ILE B 122 -19.58 19.04 5.62
C ILE B 122 -18.50 18.59 6.60
N ALA B 123 -18.48 17.30 6.90
CA ALA B 123 -17.42 16.72 7.71
C ALA B 123 -16.14 16.42 6.87
N PHE B 124 -15.24 17.38 6.83
CA PHE B 124 -14.01 17.27 6.05
C PHE B 124 -12.86 16.77 6.90
N THR B 125 -12.48 15.51 6.75
CA THR B 125 -11.29 15.02 7.43
C THR B 125 -10.01 15.64 6.86
N GLN B 126 -9.11 16.04 7.75
CA GLN B 126 -7.82 16.53 7.30
C GLN B 126 -6.78 15.41 7.25
N TYR B 127 -7.25 14.18 7.04
CA TYR B 127 -6.40 13.03 6.84
C TYR B 127 -6.76 12.48 5.51
N PRO B 128 -5.87 12.65 4.52
CA PRO B 128 -6.11 12.15 3.18
C PRO B 128 -6.34 10.64 3.21
N GLN B 129 -5.60 9.94 4.09
CA GLN B 129 -5.68 8.48 4.11
C GLN B 129 -6.56 8.00 5.22
N TYR B 130 -7.63 7.29 4.90
CA TYR B 130 -8.60 6.92 5.92
C TYR B 130 -8.11 5.85 6.85
N SER B 131 -8.15 6.13 8.15
CA SER B 131 -8.01 5.07 9.14
C SER B 131 -9.22 5.17 10.06
N CYS B 132 -9.62 4.03 10.62
CA CYS B 132 -10.65 4.01 11.66
C CYS B 132 -10.19 4.64 12.97
N SER B 133 -8.91 4.95 13.10
CA SER B 133 -8.37 5.54 14.32
C SER B 133 -8.36 7.05 14.22
N THR B 134 -8.46 7.54 12.99
CA THR B 134 -8.37 8.97 12.72
C THR B 134 -9.70 9.50 12.19
N THR B 135 -9.87 9.43 10.88
CA THR B 135 -11.13 9.88 10.28
C THR B 135 -12.37 9.17 10.86
N GLY B 136 -12.37 7.85 10.94
CA GLY B 136 -13.48 7.09 11.51
C GLY B 136 -13.86 7.62 12.89
N SER B 137 -12.85 7.77 13.75
CA SER B 137 -13.06 8.27 15.11
C SER B 137 -13.71 9.65 15.09
N SER B 138 -13.21 10.56 14.25
CA SER B 138 -13.86 11.85 14.07
C SER B 138 -15.34 11.69 13.68
N LEU B 139 -15.59 10.80 12.71
CA LEU B 139 -16.94 10.60 12.19
C LEU B 139 -17.89 9.99 13.24
N ASN B 140 -17.39 9.00 13.99
CA ASN B 140 -18.14 8.44 15.12
C ASN B 140 -18.57 9.51 16.09
N ALA B 141 -17.73 10.54 16.27
CA ALA B 141 -18.03 11.60 17.20
C ALA B 141 -19.20 12.39 16.67
N ILE B 142 -19.24 12.62 15.37
CA ILE B 142 -20.35 13.38 14.81
C ILE B 142 -21.68 12.68 15.07
N TYR B 143 -21.67 11.36 14.88
CA TYR B 143 -22.84 10.58 15.08
C TYR B 143 -23.12 10.54 16.60
N ARG B 144 -22.21 9.95 17.35
CA ARG B 144 -22.37 9.86 18.80
C ARG B 144 -23.00 11.10 19.42
N TYR B 145 -22.60 12.29 18.95
CA TYR B 145 -23.09 13.54 19.52
C TYR B 145 -24.59 13.65 19.34
N TYR B 146 -25.03 13.68 18.08
CA TYR B 146 -26.43 13.86 17.77
C TYR B 146 -27.28 12.71 18.30
N ASN B 147 -26.64 11.71 18.90
CA ASN B 147 -27.37 10.59 19.41
C ASN B 147 -27.52 10.76 20.91
N GLN B 148 -26.39 11.04 21.57
CA GLN B 148 -26.41 11.39 22.96
C GLN B 148 -27.35 12.58 23.21
N VAL B 149 -27.18 13.66 22.45
CA VAL B 149 -27.96 14.90 22.64
C VAL B 149 -29.48 14.75 22.43
N GLY B 150 -29.93 13.59 21.94
CA GLY B 150 -31.37 13.31 21.76
C GLY B 150 -32.09 14.08 20.65
N ARG B 151 -31.64 15.31 20.36
CA ARG B 151 -32.11 16.07 19.19
C ARG B 151 -31.69 15.37 17.88
N LYS B 152 -32.13 15.88 16.73
CA LYS B 152 -31.59 15.40 15.48
C LYS B 152 -30.92 16.57 14.72
N PRO B 153 -30.02 16.28 13.76
CA PRO B 153 -29.35 17.36 13.02
C PRO B 153 -30.33 18.32 12.37
N THR B 154 -30.03 19.61 12.45
CA THR B 154 -30.92 20.66 11.94
C THR B 154 -30.35 21.28 10.67
N MET B 155 -29.43 20.55 10.04
CA MET B 155 -28.77 20.95 8.81
C MET B 155 -28.32 19.71 8.05
N LYS B 156 -28.32 19.80 6.72
CA LYS B 156 -27.87 18.70 5.86
C LYS B 156 -26.40 18.30 6.16
N TRP B 157 -26.18 17.00 6.38
CA TRP B 157 -24.83 16.48 6.65
C TRP B 157 -24.19 15.71 5.50
N SER B 158 -22.85 15.70 5.44
CA SER B 158 -22.11 14.84 4.51
C SER B 158 -20.63 14.85 4.87
N THR B 159 -19.85 13.99 4.24
CA THR B 159 -18.42 13.87 4.55
C THR B 159 -17.56 13.70 3.30
N ILE B 160 -16.44 14.41 3.25
CA ILE B 160 -15.32 14.01 2.41
C ILE B 160 -14.53 13.21 3.39
N ASP B 161 -14.73 11.89 3.43
CA ASP B 161 -14.06 11.06 4.45
C ASP B 161 -12.62 10.63 4.07
N ARG B 162 -12.21 10.95 2.83
CA ARG B 162 -10.86 10.60 2.35
C ARG B 162 -10.50 11.25 1.02
N TRP B 163 -9.21 11.26 0.72
CA TRP B 163 -8.70 11.85 -0.52
C TRP B 163 -7.20 11.61 -0.66
N PRO B 164 -6.80 10.35 -0.59
CA PRO B 164 -5.38 9.97 -0.69
C PRO B 164 -4.62 10.41 -1.94
N THR B 165 -5.32 10.73 -3.02
CA THR B 165 -4.64 10.92 -4.31
C THR B 165 -5.13 12.12 -5.12
N HIS B 166 -5.80 13.04 -4.44
CA HIS B 166 -6.18 14.29 -5.06
C HIS B 166 -4.96 14.96 -5.70
N HIS B 167 -5.13 15.41 -6.94
CA HIS B 167 -3.97 15.73 -7.73
C HIS B 167 -3.24 16.96 -7.19
N LEU B 168 -3.97 17.91 -6.61
CA LEU B 168 -3.27 19.04 -6.05
C LEU B 168 -2.56 18.72 -4.74
N LEU B 169 -3.09 17.75 -3.99
CA LEU B 169 -2.36 17.24 -2.83
C LEU B 169 -1.03 16.59 -3.24
N ILE B 170 -1.06 15.80 -4.30
CA ILE B 170 0.13 15.23 -4.90
C ILE B 170 1.11 16.37 -5.33
N GLN B 171 0.60 17.44 -5.95
CA GLN B 171 1.52 18.45 -6.45
C GLN B 171 2.31 19.02 -5.29
N CYS B 172 1.63 19.22 -4.17
CA CYS B 172 2.24 19.81 -2.98
C CYS B 172 3.39 18.99 -2.43
N PHE B 173 3.16 17.70 -2.19
CA PHE B 173 4.24 16.84 -1.71
C PHE B 173 5.39 16.85 -2.71
N ALA B 174 5.12 16.61 -3.98
CA ALA B 174 6.21 16.58 -4.97
C ALA B 174 6.96 17.93 -4.96
N ASP B 175 6.23 19.04 -5.04
CA ASP B 175 6.86 20.36 -4.94
C ASP B 175 7.78 20.52 -3.72
N HIS B 176 7.33 20.14 -2.53
CA HIS B 176 8.21 20.25 -1.37
C HIS B 176 9.42 19.33 -1.46
N ILE B 177 9.22 18.15 -2.05
CA ILE B 177 10.32 17.23 -2.17
C ILE B 177 11.37 17.88 -3.03
N LEU B 178 10.98 18.34 -4.23
CA LEU B 178 11.98 18.92 -5.14
C LEU B 178 12.76 20.01 -4.45
N LYS B 179 12.03 20.93 -3.82
CA LYS B 179 12.61 22.02 -3.05
C LYS B 179 13.56 21.49 -2.01
N GLU B 180 13.26 20.37 -1.37
CA GLU B 180 14.18 19.90 -0.37
C GLU B 180 15.40 19.24 -0.99
N LEU B 181 15.24 18.69 -2.20
CA LEU B 181 16.38 18.08 -2.86
C LEU B 181 17.40 19.13 -3.28
N ASP B 182 16.98 20.37 -3.46
CA ASP B 182 17.97 21.41 -3.80
C ASP B 182 18.79 21.86 -2.59
N HIS B 183 18.46 21.39 -1.40
CA HIS B 183 19.28 21.73 -0.23
C HIS B 183 20.39 20.70 0.08
N PHE B 184 20.33 19.54 -0.55
CA PHE B 184 21.42 18.60 -0.51
C PHE B 184 22.63 19.13 -1.31
N PRO B 185 23.85 18.71 -0.97
CA PRO B 185 24.93 19.10 -1.86
C PRO B 185 24.66 18.53 -3.23
N LEU B 186 24.84 19.33 -4.27
CA LEU B 186 24.68 18.91 -5.67
C LEU B 186 25.18 17.49 -5.91
N GLU B 187 26.35 17.21 -5.37
CA GLU B 187 27.13 16.02 -5.69
C GLU B 187 26.49 14.75 -5.13
N LYS B 188 25.43 14.93 -4.33
CA LYS B 188 24.85 13.84 -3.59
C LYS B 188 23.38 13.65 -3.90
N ARG B 189 22.82 14.54 -4.73
CA ARG B 189 21.37 14.55 -5.02
C ARG B 189 20.86 13.19 -5.53
N SER B 190 21.48 12.67 -6.59
CA SER B 190 21.05 11.40 -7.14
C SER B 190 21.24 10.27 -6.17
N GLU B 191 22.21 10.39 -5.27
CA GLU B 191 22.43 9.39 -4.22
C GLU B 191 21.42 9.49 -3.04
N VAL B 192 20.57 10.52 -3.04
CA VAL B 192 19.59 10.67 -1.98
C VAL B 192 18.53 9.60 -2.03
N VAL B 193 18.34 8.93 -0.89
CA VAL B 193 17.30 7.96 -0.71
C VAL B 193 16.09 8.64 -0.02
N ILE B 194 14.87 8.36 -0.49
CA ILE B 194 13.66 8.91 0.11
C ILE B 194 12.94 7.92 1.03
N LEU B 195 12.60 8.32 2.25
CA LEU B 195 11.72 7.55 3.10
C LEU B 195 10.43 8.32 3.36
N PHE B 196 9.34 7.78 2.84
CA PHE B 196 8.05 8.33 3.23
C PHE B 196 7.72 7.71 4.59
N SER B 197 7.33 8.55 5.55
CA SER B 197 7.15 8.09 6.92
C SER B 197 5.74 8.38 7.41
N ALA B 198 4.99 7.32 7.66
CA ALA B 198 3.61 7.43 8.07
C ALA B 198 3.49 6.85 9.46
N HIS B 199 2.68 7.51 10.28
CA HIS B 199 2.37 7.01 11.59
C HIS B 199 1.82 5.58 11.41
N SER B 200 2.45 4.66 12.12
CA SER B 200 2.15 3.24 12.07
C SER B 200 0.84 2.90 12.79
N LEU B 201 0.28 1.73 12.51
CA LEU B 201 -0.85 1.17 13.23
C LEU B 201 -0.42 -0.17 13.78
N PRO B 202 -0.96 -0.54 14.95
CA PRO B 202 -0.69 -1.83 15.56
C PRO B 202 -1.15 -2.95 14.67
N MET B 203 -0.44 -4.05 14.68
CA MET B 203 -0.81 -5.08 13.75
C MET B 203 -2.25 -5.47 13.89
N SER B 204 -2.81 -5.41 15.09
CA SER B 204 -4.18 -5.88 15.27
C SER B 204 -5.22 -5.04 14.53
N VAL B 205 -4.93 -3.75 14.37
CA VAL B 205 -5.76 -2.87 13.58
C VAL B 205 -5.62 -3.15 12.08
N VAL B 206 -4.38 -3.37 11.63
CA VAL B 206 -4.12 -3.70 10.25
C VAL B 206 -4.88 -4.98 9.97
N ASN B 207 -4.62 -6.01 10.77
CA ASN B 207 -5.19 -7.34 10.53
C ASN B 207 -6.70 -7.41 10.61
N ARG B 208 -7.29 -6.35 11.15
CA ARG B 208 -8.70 -6.32 11.36
C ARG B 208 -9.39 -5.76 10.13
N GLY B 209 -8.64 -5.11 9.24
CA GLY B 209 -9.26 -4.58 8.02
C GLY B 209 -9.05 -3.13 7.65
N ASP B 210 -8.26 -2.43 8.45
CA ASP B 210 -8.08 -0.99 8.30
C ASP B 210 -7.56 -0.50 6.94
N PRO B 211 -8.20 0.54 6.41
CA PRO B 211 -7.90 1.08 5.09
C PRO B 211 -6.54 1.76 4.97
N TYR B 212 -6.04 2.28 6.06
CA TYR B 212 -4.87 3.15 6.04
C TYR B 212 -3.66 2.74 5.15
N PRO B 213 -2.99 1.59 5.45
CA PRO B 213 -1.79 1.26 4.68
C PRO B 213 -1.99 1.33 3.14
N GLN B 214 -3.06 0.71 2.64
CA GLN B 214 -3.27 0.71 1.21
C GLN B 214 -3.39 2.16 0.71
N GLU B 215 -4.07 3.03 1.44
CA GLU B 215 -4.23 4.42 0.98
C GLU B 215 -2.92 5.22 1.01
N VAL B 216 -2.18 5.13 2.11
CA VAL B 216 -0.92 5.82 2.22
C VAL B 216 -0.05 5.40 1.03
N SER B 217 -0.01 4.09 0.80
CA SER B 217 0.79 3.55 -0.26
C SER B 217 0.39 4.09 -1.64
N ALA B 218 -0.92 4.29 -1.82
CA ALA B 218 -1.45 4.91 -3.03
C ALA B 218 -0.85 6.29 -3.25
N THR B 219 -0.84 7.08 -2.19
CA THR B 219 -0.31 8.43 -2.24
C THR B 219 1.18 8.43 -2.63
N VAL B 220 1.98 7.65 -1.91
CA VAL B 220 3.41 7.48 -2.23
C VAL B 220 3.60 7.26 -3.70
N GLN B 221 2.91 6.28 -4.26
CA GLN B 221 3.03 5.97 -5.68
C GLN B 221 2.70 7.19 -6.54
N LYS B 222 1.51 7.75 -6.34
CA LYS B 222 1.22 8.97 -7.20
CA LYS B 222 1.23 8.99 -7.24
C LYS B 222 2.31 10.03 -7.13
N VAL B 223 2.78 10.30 -5.92
CA VAL B 223 3.80 11.33 -5.72
C VAL B 223 5.09 10.99 -6.46
N MET B 224 5.45 9.71 -6.44
CA MET B 224 6.67 9.25 -7.12
C MET B 224 6.52 9.26 -8.63
N GLU B 225 5.28 9.09 -9.10
CA GLU B 225 5.00 9.16 -10.51
C GLU B 225 5.29 10.56 -10.98
N ARG B 226 4.71 11.53 -10.27
CA ARG B 226 4.88 12.91 -10.65
C ARG B 226 6.35 13.24 -10.67
N LEU B 227 7.09 12.79 -9.66
CA LEU B 227 8.53 12.96 -9.65
C LEU B 227 9.27 12.07 -10.66
N GLU B 228 8.53 11.29 -11.43
CA GLU B 228 9.15 10.38 -12.41
C GLU B 228 10.28 9.52 -11.85
N TYR B 229 10.13 9.07 -10.60
CA TYR B 229 11.07 8.15 -9.97
C TYR B 229 12.52 8.68 -9.96
N CYS B 230 12.69 9.97 -9.66
CA CYS B 230 14.01 10.59 -9.72
C CYS B 230 15.01 9.98 -8.73
N ASN B 231 14.51 9.54 -7.58
CA ASN B 231 15.34 8.83 -6.59
C ASN B 231 14.59 7.64 -6.12
N PRO B 232 15.29 6.61 -5.58
CA PRO B 232 14.65 5.41 -4.98
C PRO B 232 13.97 5.71 -3.63
N TYR B 233 13.07 4.84 -3.18
CA TYR B 233 12.28 5.13 -1.97
C TYR B 233 11.88 3.88 -1.23
N ARG B 234 11.39 4.06 -0.01
CA ARG B 234 10.56 3.07 0.68
C ARG B 234 9.53 3.81 1.52
N LEU B 235 8.40 3.16 1.76
CA LEU B 235 7.40 3.62 2.70
C LEU B 235 7.68 2.93 4.00
N VAL B 236 7.84 3.72 5.07
CA VAL B 236 8.17 3.23 6.41
C VAL B 236 7.28 3.90 7.47
N TRP B 237 7.21 3.35 8.67
CA TRP B 237 6.15 3.78 9.63
C TRP B 237 6.72 4.17 10.98
N GLN B 238 6.28 5.32 11.49
CA GLN B 238 6.85 5.85 12.71
C GLN B 238 5.95 5.70 13.95
N SER B 239 6.49 6.04 15.12
CA SER B 239 5.66 6.24 16.33
C SER B 239 5.12 5.01 17.06
N LYS B 240 5.68 3.83 16.80
CA LYS B 240 5.34 2.67 17.61
C LYS B 240 5.50 3.02 19.08
N VAL B 241 4.57 2.57 19.90
CA VAL B 241 4.76 2.61 21.35
C VAL B 241 4.29 1.32 21.99
N GLY B 242 5.01 0.88 23.03
CA GLY B 242 4.61 -0.29 23.79
C GLY B 242 5.26 -1.55 23.29
N PRO B 243 4.85 -2.71 23.82
CA PRO B 243 5.52 -3.96 23.45
C PRO B 243 4.83 -4.77 22.32
N MET B 244 3.59 -4.41 21.97
CA MET B 244 2.80 -5.10 20.93
C MET B 244 3.35 -4.99 19.48
N PRO B 245 2.87 -5.82 18.55
CA PRO B 245 3.49 -5.69 17.23
C PRO B 245 2.80 -4.62 16.40
N TRP B 246 3.61 -3.81 15.73
CA TRP B 246 3.09 -2.77 14.89
C TRP B 246 3.53 -2.92 13.46
N LEU B 247 2.84 -2.24 12.54
CA LEU B 247 3.20 -2.30 11.14
C LEU B 247 4.53 -1.59 10.96
N GLY B 248 5.52 -2.34 10.48
CA GLY B 248 6.81 -1.77 10.11
C GLY B 248 7.10 -1.84 8.61
N PRO B 249 8.33 -1.51 8.19
CA PRO B 249 9.50 -1.11 8.97
C PRO B 249 9.33 0.15 9.80
N GLN B 250 9.81 0.11 11.04
CA GLN B 250 9.93 1.32 11.84
C GLN B 250 10.87 2.26 11.07
N THR B 251 10.51 3.52 11.04
CA THR B 251 11.27 4.55 10.38
C THR B 251 12.67 4.72 10.96
N ASP B 252 12.78 4.65 12.29
CA ASP B 252 14.07 4.82 12.96
C ASP B 252 15.03 3.69 12.54
N GLU B 253 14.55 2.46 12.69
CA GLU B 253 15.27 1.26 12.22
C GLU B 253 15.72 1.38 10.77
N SER B 254 14.93 2.07 9.95
CA SER B 254 15.26 2.18 8.54
C SER B 254 16.36 3.18 8.27
N ILE B 255 16.20 4.37 8.81
CA ILE B 255 17.30 5.30 8.84
C ILE B 255 18.63 4.59 9.25
N LYS B 256 18.64 3.97 10.44
CA LYS B 256 19.84 3.33 10.99
C LYS B 256 20.34 2.18 10.12
N GLY B 257 19.42 1.47 9.49
CA GLY B 257 19.78 0.39 8.57
C GLY B 257 20.44 0.90 7.30
N LEU B 258 19.82 1.89 6.67
CA LEU B 258 20.36 2.43 5.42
C LEU B 258 21.73 3.00 5.66
N CYS B 259 21.85 3.59 6.84
CA CYS B 259 23.05 4.25 7.19
C CYS B 259 24.14 3.22 7.33
N GLU B 260 23.84 2.09 7.99
CA GLU B 260 24.85 1.04 8.19
C GLU B 260 25.27 0.32 6.91
N ARG B 261 24.44 0.48 5.87
CA ARG B 261 24.73 -0.08 4.53
C ARG B 261 25.27 0.96 3.57
N GLY B 262 25.69 2.10 4.09
CA GLY B 262 26.27 3.10 3.23
C GLY B 262 25.30 3.90 2.38
N ARG B 263 24.02 3.91 2.72
CA ARG B 263 23.14 4.86 2.06
C ARG B 263 23.01 5.94 3.12
N LYS B 264 23.85 6.97 3.01
CA LYS B 264 23.99 7.95 4.10
C LYS B 264 23.44 9.31 3.74
N ASN B 265 22.57 9.36 2.74
CA ASN B 265 21.92 10.58 2.36
C ASN B 265 20.45 10.30 2.23
N ILE B 266 19.64 10.91 3.09
CA ILE B 266 18.24 10.50 3.26
C ILE B 266 17.36 11.72 3.31
N LEU B 267 16.23 11.65 2.60
CA LEU B 267 15.22 12.67 2.69
C LEU B 267 13.92 12.09 3.26
N LEU B 268 13.59 12.48 4.49
CA LEU B 268 12.31 12.11 5.10
C LEU B 268 11.15 12.88 4.53
N VAL B 269 10.12 12.17 4.09
CA VAL B 269 8.92 12.84 3.61
C VAL B 269 7.68 12.38 4.39
N PRO B 270 7.15 13.22 5.30
CA PRO B 270 5.93 12.87 6.05
C PRO B 270 4.77 12.95 5.09
N ILE B 271 4.12 11.80 4.88
CA ILE B 271 3.15 11.66 3.81
C ILE B 271 1.72 11.46 4.31
N ALA B 272 1.53 11.35 5.62
CA ALA B 272 0.20 11.06 6.18
C ALA B 272 -0.38 12.20 7.02
N PHE B 273 0.19 13.39 6.93
CA PHE B 273 -0.32 14.51 7.69
C PHE B 273 -0.03 15.79 6.93
N THR B 274 -0.71 16.88 7.28
CA THR B 274 -0.66 18.10 6.46
C THR B 274 -0.18 19.36 7.18
N SER B 275 0.45 19.18 8.33
CA SER B 275 1.04 20.29 9.12
C SER B 275 2.14 19.70 9.94
N ASP B 276 2.98 20.55 10.48
CA ASP B 276 3.82 20.10 11.55
C ASP B 276 2.99 19.78 12.77
N HIS B 277 3.49 18.80 13.51
CA HIS B 277 2.99 18.40 14.83
C HIS B 277 4.15 17.68 15.49
N ILE B 278 3.90 17.15 16.68
CA ILE B 278 4.89 16.42 17.47
C ILE B 278 5.67 15.35 16.67
N ASP B 279 4.97 14.56 15.88
CA ASP B 279 5.58 13.48 15.12
C ASP B 279 6.73 13.95 14.19
N THR B 280 6.63 15.18 13.67
CA THR B 280 7.66 15.70 12.78
C THR B 280 8.69 16.55 13.55
N LEU B 281 8.20 17.54 14.30
CA LEU B 281 9.11 18.47 14.96
C LEU B 281 9.94 17.82 16.05
N TYR B 282 9.38 16.84 16.76
CA TYR B 282 10.13 16.08 17.75
C TYR B 282 10.62 14.76 17.15
N GLU B 283 9.73 13.79 17.01
CA GLU B 283 10.12 12.47 16.55
C GLU B 283 11.15 12.51 15.39
N LEU B 284 10.70 13.00 14.23
CA LEU B 284 11.56 13.09 13.05
C LEU B 284 12.75 14.06 13.19
N ASP B 285 12.49 15.32 13.50
CA ASP B 285 13.54 16.33 13.45
C ASP B 285 14.56 16.23 14.59
N ILE B 286 14.16 15.63 15.72
CA ILE B 286 15.00 15.65 16.91
C ILE B 286 15.51 14.26 17.35
N GLU B 287 14.63 13.34 17.75
CA GLU B 287 15.12 12.00 18.11
C GLU B 287 15.77 11.32 16.90
N TYR B 288 15.15 11.42 15.74
CA TYR B 288 15.70 10.76 14.55
C TYR B 288 16.82 11.51 13.83
N SER B 289 16.55 12.74 13.37
CA SER B 289 17.50 13.42 12.48
C SER B 289 18.65 14.07 13.20
N GLN B 290 18.51 14.20 14.52
CA GLN B 290 19.55 14.78 15.36
C GLN B 290 20.35 13.74 16.17
N VAL B 291 19.69 13.07 17.11
CA VAL B 291 20.41 12.15 18.02
C VAL B 291 20.84 10.90 17.27
N LEU B 292 19.87 10.25 16.65
CA LEU B 292 20.03 8.94 16.03
C LEU B 292 21.04 8.95 14.88
N ALA B 293 20.75 9.76 13.85
CA ALA B 293 21.57 9.77 12.63
C ALA B 293 22.96 10.36 12.87
N LYS B 294 23.08 11.19 13.91
CA LYS B 294 24.40 11.65 14.34
C LYS B 294 25.29 10.47 14.80
N GLU B 295 24.78 9.57 15.65
CA GLU B 295 25.58 8.43 16.11
C GLU B 295 25.58 7.19 15.19
N CYS B 296 25.32 7.41 13.90
CA CYS B 296 25.17 6.33 12.91
C CYS B 296 26.06 6.57 11.71
N GLY B 297 26.50 7.82 11.56
CA GLY B 297 27.45 8.22 10.52
C GLY B 297 26.86 8.92 9.30
N VAL B 298 25.62 9.39 9.44
CA VAL B 298 24.90 10.04 8.38
C VAL B 298 25.62 11.28 7.86
N GLU B 299 25.68 11.41 6.54
CA GLU B 299 26.23 12.60 5.89
C GLU B 299 25.19 13.73 5.74
N ASN B 300 24.02 13.40 5.19
CA ASN B 300 22.93 14.40 5.08
C ASN B 300 21.55 13.83 5.30
N ILE B 301 20.85 14.35 6.28
CA ILE B 301 19.47 13.99 6.42
C ILE B 301 18.65 15.23 6.50
N ARG B 302 17.74 15.39 5.56
CA ARG B 302 16.86 16.55 5.60
C ARG B 302 15.44 16.07 5.76
N ARG B 303 14.50 16.98 5.92
CA ARG B 303 13.07 16.64 5.94
C ARG B 303 12.26 17.59 5.04
N ALA B 304 11.56 17.04 4.06
CA ALA B 304 10.59 17.83 3.28
C ALA B 304 9.65 18.62 4.20
N GLU B 305 9.39 19.86 3.83
CA GLU B 305 8.63 20.79 4.63
C GLU B 305 7.17 20.35 4.65
N SER B 306 6.56 20.31 5.84
CA SER B 306 5.13 20.00 5.97
C SER B 306 4.28 20.98 5.15
N LEU B 307 3.03 20.64 4.81
CA LEU B 307 2.30 21.43 3.80
C LEU B 307 1.96 22.81 4.29
N ASN B 308 1.62 22.90 5.57
CA ASN B 308 1.59 24.14 6.28
C ASN B 308 0.91 25.23 5.47
N GLY B 309 1.55 26.39 5.37
CA GLY B 309 0.96 27.57 4.72
C GLY B 309 0.97 27.65 3.19
N ASN B 310 1.50 26.61 2.52
CA ASN B 310 1.56 26.54 1.04
C ASN B 310 0.22 26.98 0.51
N PRO B 311 0.21 28.03 -0.35
CA PRO B 311 -1.07 28.51 -0.86
C PRO B 311 -1.72 27.47 -1.74
N LEU B 312 -0.93 26.73 -2.52
CA LEU B 312 -1.48 25.66 -3.36
C LEU B 312 -2.27 24.55 -2.62
N PHE B 313 -1.97 24.33 -1.34
CA PHE B 313 -2.71 23.36 -0.52
C PHE B 313 -4.10 23.89 -0.17
N SER B 314 -4.15 25.19 0.10
CA SER B 314 -5.42 25.89 0.23
C SER B 314 -6.29 25.64 -1.00
N LYS B 315 -5.75 25.93 -2.19
CA LYS B 315 -6.47 25.61 -3.41
C LYS B 315 -6.96 24.17 -3.37
N ALA B 316 -6.09 23.24 -2.99
CA ALA B 316 -6.46 21.81 -2.93
C ALA B 316 -7.69 21.63 -2.09
N LEU B 317 -7.65 22.17 -0.88
CA LEU B 317 -8.76 22.02 0.06
C LEU B 317 -10.06 22.58 -0.56
N ALA B 318 -10.03 23.81 -1.06
CA ALA B 318 -11.19 24.40 -1.75
C ALA B 318 -11.61 23.50 -2.91
N ASP B 319 -10.63 23.09 -3.70
CA ASP B 319 -10.89 22.23 -4.84
C ASP B 319 -11.68 20.95 -4.46
N LEU B 320 -11.36 20.35 -3.31
CA LEU B 320 -12.03 19.12 -2.83
C LEU B 320 -13.49 19.29 -2.48
N VAL B 321 -13.81 20.46 -1.95
CA VAL B 321 -15.14 20.77 -1.46
C VAL B 321 -16.09 21.15 -2.61
N HIS B 322 -15.60 22.00 -3.48
CA HIS B 322 -16.33 22.44 -4.64
C HIS B 322 -16.80 21.22 -5.42
N SER B 323 -15.93 20.22 -5.56
CA SER B 323 -16.23 18.96 -6.23
C SER B 323 -17.16 18.09 -5.43
N HIS B 324 -16.91 18.01 -4.11
CA HIS B 324 -17.78 17.28 -3.22
C HIS B 324 -19.18 17.82 -3.36
N ILE B 325 -19.30 19.16 -3.32
CA ILE B 325 -20.61 19.83 -3.39
C ILE B 325 -21.31 19.58 -4.74
N GLN B 326 -20.58 19.77 -5.84
CA GLN B 326 -21.20 19.62 -7.17
C GLN B 326 -21.65 18.19 -7.45
N SER B 327 -20.88 17.23 -6.99
CA SER B 327 -21.18 15.84 -7.23
C SER B 327 -22.29 15.31 -6.33
N ASN B 328 -22.71 16.09 -5.36
CA ASN B 328 -23.77 15.68 -4.41
C ASN B 328 -23.50 14.46 -3.52
N GLU B 329 -22.34 13.81 -3.63
CA GLU B 329 -22.12 12.61 -2.82
C GLU B 329 -22.27 12.93 -1.34
N LEU B 330 -22.61 11.91 -0.56
CA LEU B 330 -22.70 12.04 0.89
C LEU B 330 -21.46 11.58 1.60
N CYS B 331 -20.74 10.69 0.93
CA CYS B 331 -19.53 10.08 1.46
C CYS B 331 -18.91 9.29 0.30
N SER B 332 -17.75 8.68 0.54
CA SER B 332 -17.14 7.80 -0.44
C SER B 332 -17.89 6.48 -0.50
N LYS B 333 -17.65 5.78 -1.59
CA LYS B 333 -18.04 4.40 -1.73
C LYS B 333 -17.30 3.56 -0.67
N GLN B 334 -16.06 3.94 -0.37
CA GLN B 334 -15.27 3.18 0.56
C GLN B 334 -15.89 3.21 1.95
N LEU B 335 -16.51 4.34 2.34
CA LEU B 335 -17.07 4.45 3.68
C LEU B 335 -18.23 3.49 3.87
N THR B 336 -18.91 3.17 2.76
CA THR B 336 -20.10 2.32 2.79
C THR B 336 -19.67 0.89 2.95
N LEU B 337 -18.36 0.68 3.11
CA LEU B 337 -17.86 -0.64 3.54
C LEU B 337 -17.01 -0.63 4.80
N SER B 338 -17.50 -1.31 5.84
CA SER B 338 -16.76 -1.45 7.11
C SER B 338 -15.64 -2.48 7.06
N CYS B 339 -14.70 -2.39 8.01
CA CYS B 339 -13.64 -3.42 8.17
C CYS B 339 -14.23 -4.81 8.30
N PRO B 340 -13.84 -5.75 7.44
CA PRO B 340 -14.31 -7.14 7.51
C PRO B 340 -14.23 -7.78 8.90
N LEU B 341 -13.27 -7.37 9.74
CA LEU B 341 -13.14 -7.90 11.11
C LEU B 341 -13.48 -6.85 12.19
N CYS B 342 -14.30 -5.88 11.81
CA CYS B 342 -14.72 -4.83 12.72
C CYS B 342 -15.53 -5.43 13.85
N VAL B 343 -15.22 -4.99 15.06
CA VAL B 343 -15.92 -5.45 16.25
C VAL B 343 -16.66 -4.30 16.91
N ASN B 344 -16.51 -3.08 16.38
CA ASN B 344 -17.13 -1.89 16.99
C ASN B 344 -18.53 -1.57 16.48
N PRO B 345 -19.55 -1.77 17.34
CA PRO B 345 -20.94 -1.59 16.92
C PRO B 345 -21.31 -0.21 16.34
N VAL B 346 -20.56 0.83 16.69
CA VAL B 346 -20.86 2.20 16.20
C VAL B 346 -20.55 2.43 14.69
N CYS B 347 -19.55 1.72 14.16
CA CYS B 347 -19.15 1.79 12.74
C CYS B 347 -20.32 1.60 11.77
N ARG B 348 -21.17 0.61 12.04
CA ARG B 348 -22.44 0.43 11.31
C ARG B 348 -23.30 1.69 11.40
N GLU B 349 -23.50 2.19 12.63
CA GLU B 349 -24.40 3.32 12.92
C GLU B 349 -23.91 4.59 12.26
N THR B 350 -22.61 4.81 12.34
CA THR B 350 -21.97 5.99 11.78
C THR B 350 -22.11 6.00 10.26
N LYS B 351 -21.83 4.87 9.62
CA LYS B 351 -21.99 4.71 8.16
C LYS B 351 -23.43 5.09 7.79
N SER B 352 -24.39 4.41 8.42
CA SER B 352 -25.80 4.72 8.22
C SER B 352 -26.08 6.22 8.35
N PHE B 353 -25.58 6.85 9.40
CA PHE B 353 -25.75 8.28 9.58
C PHE B 353 -25.37 9.10 8.36
N PHE B 354 -24.44 8.61 7.55
CA PHE B 354 -24.03 9.39 6.43
C PHE B 354 -24.71 8.91 5.18
N THR B 355 -24.75 7.60 4.97
CA THR B 355 -25.35 7.11 3.74
C THR B 355 -26.81 7.56 3.63
N SER B 356 -27.44 7.86 4.77
CA SER B 356 -28.88 8.07 4.81
C SER B 356 -29.33 9.49 5.18
N GLN B 357 -28.52 10.49 4.86
CA GLN B 357 -28.95 11.88 4.98
C GLN B 357 -29.87 12.33 3.84
N GLN B 358 -30.88 13.11 4.21
CA GLN B 358 -31.80 13.71 3.24
C GLN B 358 -31.06 14.58 2.21
N LEU B 359 -31.70 14.81 1.06
CA LEU B 359 -31.18 15.69 0.00
C LEU B 359 -29.98 15.04 -0.76
C1 CHD C . 7.43 -18.46 7.39
C2 CHD C . 7.94 -18.02 8.77
C3 CHD C . 9.16 -17.13 8.61
O3 CHD C . 9.46 -16.48 9.87
C4 CHD C . 10.26 -18.03 8.01
C5 CHD C . 9.87 -18.80 6.73
C6 CHD C . 10.88 -19.94 6.46
C7 CHD C . 10.50 -21.35 6.95
O7 CHD C . 10.52 -21.37 8.39
C8 CHD C . 9.12 -21.81 6.47
C9 CHD C . 8.15 -20.76 7.02
C10 CHD C . 8.41 -19.30 6.59
C11 CHD C . 6.69 -21.14 6.78
C12 CHD C . 6.35 -22.56 7.23
O12 CHD C . 6.38 -22.61 8.66
C13 CHD C . 7.29 -23.60 6.63
C14 CHD C . 8.73 -23.23 6.94
C15 CHD C . 9.46 -24.50 6.48
C16 CHD C . 8.49 -25.65 6.86
C17 CHD C . 7.17 -24.97 7.28
C18 CHD C . 7.02 -23.74 5.13
C19 CHD C . 8.04 -19.13 5.13
C20 CHD C . 5.86 -25.73 6.97
C21 CHD C . 4.61 -24.92 7.35
C22 CHD C . 5.69 -27.10 7.61
C23 CHD C . 4.61 -27.87 6.83
O25 CHD C . 4.07 -29.02 8.87
C24 CHD C . 3.78 -28.84 7.66
O26 CHD C . 2.82 -29.43 7.09
C1 CHD D . 6.96 -18.69 -3.79
C2 CHD D . 5.56 -18.21 -4.13
C3 CHD D . 5.40 -16.76 -3.65
O3 CHD D . 4.05 -16.32 -3.87
C4 CHD D . 5.74 -16.65 -2.16
C5 CHD D . 7.05 -17.32 -1.69
C6 CHD D . 7.12 -17.27 -0.14
C7 CHD D . 6.26 -18.35 0.52
O7 CHD D . 4.88 -18.05 0.23
C8 CHD D . 6.68 -19.76 0.00
C9 CHD D . 6.50 -19.82 -1.54
C10 CHD D . 7.30 -18.73 -2.28
C11 CHD D . 6.83 -21.24 -2.05
C12 CHD D . 5.96 -22.28 -1.36
O12 CHD D . 4.60 -21.93 -1.68
C13 CHD D . 6.22 -22.36 0.17
C14 CHD D . 5.97 -20.95 0.70
C15 CHD D . 6.12 -21.16 2.21
C16 CHD D . 5.41 -22.51 2.42
C17 CHD D . 5.17 -23.09 1.02
C18 CHD D . 7.61 -22.87 0.51
C19 CHD D . 8.79 -19.07 -2.21
C20 CHD D . 4.98 -24.62 1.02
C21 CHD D . 4.82 -25.18 -0.39
C22 CHD D . 3.75 -25.02 1.84
C23 CHD D . 3.91 -26.36 2.56
O25 CHD D . 1.68 -26.06 3.43
C24 CHD D . 2.76 -26.71 3.49
O26 CHD D . 2.93 -27.67 4.29
C1 GOL E . 1.97 -2.22 3.92
O1 GOL E . 2.52 -1.12 3.23
C2 GOL E . 0.49 -2.11 3.69
O2 GOL E . 0.27 -1.90 2.33
C3 GOL E . -0.24 -3.38 4.05
O3 GOL E . -1.32 -3.47 3.15
FE1 FES F . 18.02 -7.95 0.24
FE2 FES F . 15.27 -7.03 -0.02
S1 FES F . 17.12 -6.28 -0.87
S2 FES F . 16.20 -8.54 1.27
C1 CHD G . -1.81 -0.43 20.73
C2 CHD G . -1.62 -1.94 20.94
C3 CHD G . -2.96 -2.68 20.92
O3 CHD G . -2.68 -4.09 21.09
C4 CHD G . -3.88 -2.09 22.01
C5 CHD G . -3.95 -0.55 22.01
C6 CHD G . -4.71 -0.09 23.27
C7 CHD G . -3.81 0.24 24.47
O7 CHD G . -3.29 -1.00 24.94
C8 CHD G . -2.63 1.18 24.15
C9 CHD G . -1.79 0.44 23.10
C10 CHD G . -2.62 0.25 21.82
C11 CHD G . -0.41 1.09 22.93
C12 CHD G . 0.37 1.19 24.26
O12 CHD G . 0.65 -0.15 24.68
C13 CHD G . -0.39 2.04 25.31
C14 CHD G . -1.83 1.49 25.42
C15 CHD G . -2.52 2.30 26.50
C16 CHD G . -1.37 2.53 27.47
C17 CHD G . -0.11 1.91 26.83
C18 CHD G . -0.17 3.50 24.92
C19 CHD G . -2.99 1.63 21.30
C20 CHD G . 1.18 2.39 27.55
C21 CHD G . 2.43 1.67 27.04
C22 CHD G . 1.01 2.21 29.10
C23 CHD G . 2.19 2.56 30.04
O25 CHD G . 0.84 2.54 32.09
C24 CHD G . 1.85 3.00 31.49
O26 CHD G . 2.61 3.81 32.09
CHA PP9 H . -0.59 10.13 19.79
CHB PP9 H . -2.40 5.64 19.65
CHC PP9 H . -2.89 5.91 14.74
CHD PP9 H . -1.47 10.59 14.90
NA PP9 H . -1.62 7.94 19.38
C1A PP9 H . -0.98 8.78 20.23
C2A PP9 H . -0.67 8.22 21.55
C3A PP9 H . -1.20 6.88 21.49
C4A PP9 H . -1.74 6.83 20.13
CMA PP9 H . -1.21 5.80 22.52
CAA PP9 H . 0.01 8.77 22.74
CBA PP9 H . 0.33 7.49 23.48
CGA PP9 H . 1.51 7.78 24.36
O1A PP9 H . 1.40 7.57 25.59
O2A PP9 H . 2.56 8.23 23.84
NB PP9 H . -2.46 6.12 17.21
C1B PP9 H . -2.74 5.30 18.28
C2B PP9 H . -3.43 4.02 17.97
C3B PP9 H . -3.55 4.12 16.53
C4B PP9 H . -2.94 5.42 16.14
CMB PP9 H . -3.91 2.87 18.82
CAB PP9 H . -4.23 3.03 15.80
CBB PP9 H . -5.05 2.35 16.58
NC PP9 H . -2.18 8.23 15.12
C1C PP9 H . -2.55 7.26 14.24
C2C PP9 H . -2.54 7.62 12.80
C3C PP9 H . -2.11 9.02 12.89
C4C PP9 H . -1.92 9.29 14.33
CMC PP9 H . -2.91 6.79 11.60
CAC PP9 H . -1.93 10.00 11.78
CBC PP9 H . -1.17 9.73 10.73
ND PP9 H . -1.15 9.98 17.32
C1D PP9 H . -1.03 10.88 16.29
C2D PP9 H . -0.44 12.19 16.67
C3D PP9 H . -0.19 12.02 18.11
C4D PP9 H . -0.66 10.65 18.40
CMD PP9 H . -0.16 13.42 15.84
CAD PP9 H . 0.38 13.01 19.10
CBD PP9 H . 0.69 12.33 20.42
CGD PP9 H . 1.38 13.35 21.26
O1D PP9 H . 0.85 14.49 21.29
O2D PP9 H . 2.44 13.05 21.87
FE1 FES I . -15.13 -0.58 12.44
FE2 FES I . -12.91 -0.13 10.69
S1 FES I . -15.08 -0.05 10.28
S2 FES I . -13.02 -0.62 12.81
#